data_4UZK
#
_entry.id   4UZK
#
_cell.length_a   59.252
_cell.length_b   93.103
_cell.length_c   142.124
_cell.angle_alpha   90.00
_cell.angle_beta   90.00
_cell.angle_gamma   90.00
#
_symmetry.space_group_name_H-M   'P 21 21 21'
#
loop_
_entity.id
_entity.type
_entity.pdbx_description
1 polymer NOTUM
2 non-polymer 2-acetamido-2-deoxy-beta-D-glucopyranose
3 water water
#
_entity_poly.entity_id   1
_entity_poly.type   'polypeptide(L)'
_entity_poly.pdbx_seq_one_letter_code
;ETGDHSRSLKRANLANTSITCNDGSHAGFYLRKHPSSKKWIVLLEGGWHCFDVRSCRSRWMRLRHLMTSSQWPETRDVGG
ILSPHPEENPYWHNANHVLIPYCSSDSWSGTRTEPDTSDRENSWRFMGALILRQVIAELIPVGLGRVPGGELMLVGSSAG
GMGVMLNLDRIRDFLVNEKKLQITVRGVSDSGWFLDREPYTPAAVASNEAVRQGWKLWQGLLPEECTKSYPTEPWRCYYG
YRLYPTLKTPLFVFQWLFDEAQMRVDNVGAPVTPQQWNYIHEMGGALRSSLDNVSAVFAPSCIGHGVLFKRDWVNIKIDD
ISLPSALRCWEHSTRSGNNNGCGLRLLERCSWPQCNHSCPTGTHHHHHHHHHH
;
_entity_poly.pdbx_strand_id   A,B
#
loop_
_chem_comp.id
_chem_comp.type
_chem_comp.name
_chem_comp.formula
NAG D-saccharide, beta linking 2-acetamido-2-deoxy-beta-D-glucopyranose 'C8 H15 N O6'
#
# COMPACT_ATOMS: atom_id res chain seq x y z
N ARG A 7 -13.17 -10.06 -23.35
CA ARG A 7 -13.40 -9.60 -24.74
C ARG A 7 -12.61 -8.32 -24.97
N SER A 8 -12.49 -7.93 -26.23
CA SER A 8 -11.42 -7.02 -26.57
C SER A 8 -11.82 -5.54 -26.34
N LEU A 9 -10.81 -4.71 -26.40
CA LEU A 9 -11.02 -3.28 -26.52
C LEU A 9 -11.52 -3.04 -27.94
N LYS A 10 -12.67 -2.39 -28.08
CA LYS A 10 -13.26 -2.12 -29.39
C LYS A 10 -13.02 -0.71 -29.87
N ARG A 11 -12.81 -0.59 -31.17
CA ARG A 11 -12.52 0.69 -31.79
C ARG A 11 -13.70 1.62 -31.66
N ALA A 12 -13.42 2.89 -31.36
CA ALA A 12 -14.41 3.94 -31.32
C ALA A 12 -13.90 5.20 -32.02
N ASN A 13 -14.84 5.96 -32.58
CA ASN A 13 -14.58 7.21 -33.32
C ASN A 13 -14.77 8.43 -32.43
N LEU A 14 -14.27 9.58 -32.88
CA LEU A 14 -14.52 10.86 -32.21
C LEU A 14 -15.61 11.61 -32.95
N ALA A 15 -16.47 12.33 -32.23
CA ALA A 15 -17.58 13.05 -32.86
C ALA A 15 -17.05 14.26 -33.64
N ASN A 16 -16.00 14.91 -33.16
CA ASN A 16 -15.37 15.98 -33.93
C ASN A 16 -14.38 15.44 -34.97
N THR A 17 -14.74 15.49 -36.24
CA THR A 17 -13.93 14.91 -37.28
C THR A 17 -12.75 15.76 -37.71
N SER A 18 -12.58 16.96 -37.15
CA SER A 18 -11.40 17.76 -37.41
CA SER A 18 -11.39 17.75 -37.44
C SER A 18 -10.20 17.36 -36.54
N ILE A 19 -10.38 16.39 -35.63
CA ILE A 19 -9.28 15.94 -34.75
C ILE A 19 -8.63 14.73 -35.42
N THR A 20 -7.40 14.89 -35.85
CA THR A 20 -6.82 13.89 -36.72
C THR A 20 -5.43 13.50 -36.33
N CYS A 21 -5.02 12.37 -36.88
CA CYS A 21 -3.64 11.90 -36.87
C CYS A 21 -2.74 12.73 -37.78
N ASN A 22 -1.45 12.40 -37.79
CA ASN A 22 -0.49 13.15 -38.56
C ASN A 22 -0.90 13.35 -40.04
N ASP A 23 -1.44 12.30 -40.64
CA ASP A 23 -1.75 12.33 -42.09
C ASP A 23 -3.14 12.85 -42.40
N GLY A 24 -3.89 13.31 -41.42
CA GLY A 24 -5.27 13.74 -41.68
C GLY A 24 -6.34 12.69 -41.45
N SER A 25 -5.95 11.41 -41.28
CA SER A 25 -6.95 10.40 -40.91
C SER A 25 -7.52 10.74 -39.55
N HIS A 26 -8.76 10.33 -39.31
CA HIS A 26 -9.43 10.64 -38.05
C HIS A 26 -8.81 9.87 -36.90
N ALA A 27 -8.67 10.54 -35.77
CA ALA A 27 -8.20 9.91 -34.55
C ALA A 27 -9.33 9.11 -33.88
N GLY A 28 -9.07 8.52 -32.72
CA GLY A 28 -10.07 7.71 -32.07
C GLY A 28 -9.50 7.01 -30.85
N PHE A 29 -10.19 5.99 -30.38
CA PHE A 29 -9.73 5.21 -29.22
C PHE A 29 -10.33 3.82 -29.20
N TYR A 30 -9.94 3.00 -28.23
CA TYR A 30 -10.52 1.69 -27.98
C TYR A 30 -11.02 1.65 -26.57
N LEU A 31 -12.16 0.99 -26.40
CA LEU A 31 -12.90 0.96 -25.12
C LEU A 31 -13.31 -0.47 -24.77
N ARG A 32 -13.13 -0.85 -23.52
CA ARG A 32 -13.77 -2.03 -22.97
C ARG A 32 -14.50 -1.58 -21.73
N LYS A 33 -15.80 -1.44 -21.86
CA LYS A 33 -16.66 -0.96 -20.79
C LYS A 33 -16.93 -2.10 -19.78
N HIS A 34 -16.82 -1.79 -18.50
CA HIS A 34 -17.22 -2.70 -17.47
C HIS A 34 -18.69 -2.42 -17.01
N PRO A 35 -19.46 -3.48 -16.72
CA PRO A 35 -20.88 -3.21 -16.53
C PRO A 35 -21.17 -2.34 -15.30
N SER A 36 -20.36 -2.42 -14.24
CA SER A 36 -20.63 -1.69 -13.04
C SER A 36 -19.51 -0.84 -12.44
N SER A 37 -18.29 -0.91 -12.94
CA SER A 37 -17.21 -0.16 -12.31
C SER A 37 -17.40 1.34 -12.51
N LYS A 38 -16.99 2.16 -11.55
CA LYS A 38 -16.88 3.60 -11.79
C LYS A 38 -15.42 4.06 -11.87
N LYS A 39 -14.51 3.12 -12.05
CA LYS A 39 -13.10 3.42 -12.20
C LYS A 39 -12.70 3.21 -13.63
N TRP A 40 -11.79 4.06 -14.12
CA TRP A 40 -11.40 4.08 -15.49
C TRP A 40 -9.89 4.11 -15.55
N ILE A 41 -9.30 3.29 -16.42
CA ILE A 41 -7.89 3.37 -16.72
C ILE A 41 -7.81 3.83 -18.18
N VAL A 42 -7.21 4.99 -18.43
CA VAL A 42 -6.99 5.50 -19.79
C VAL A 42 -5.48 5.45 -20.08
N LEU A 43 -5.08 4.64 -21.06
CA LEU A 43 -3.69 4.45 -21.37
C LEU A 43 -3.32 5.08 -22.69
N LEU A 44 -2.23 5.85 -22.66
CA LEU A 44 -1.70 6.54 -23.83
C LEU A 44 -0.54 5.72 -24.33
N GLU A 45 -0.58 5.30 -25.58
CA GLU A 45 0.55 4.61 -26.19
C GLU A 45 1.66 5.55 -26.52
N GLY A 46 2.89 5.03 -26.68
CA GLY A 46 4.01 5.90 -27.01
C GLY A 46 4.72 5.40 -28.22
N GLY A 47 5.96 5.82 -28.41
CA GLY A 47 6.73 5.46 -29.63
C GLY A 47 7.48 6.60 -30.33
N TRP A 48 8.23 7.33 -29.55
CA TRP A 48 9.06 8.41 -29.98
C TRP A 48 8.22 9.60 -30.56
N HIS A 49 8.75 10.32 -31.53
CA HIS A 49 8.16 11.55 -32.03
C HIS A 49 8.97 11.97 -33.25
N CYS A 50 8.51 12.99 -33.93
CA CYS A 50 9.33 13.59 -34.98
C CYS A 50 9.17 15.09 -34.90
N PHE A 51 10.20 15.81 -35.29
CA PHE A 51 10.28 17.24 -34.98
C PHE A 51 10.73 18.10 -36.14
N ASP A 52 10.88 17.52 -37.33
CA ASP A 52 11.21 18.30 -38.51
C ASP A 52 10.95 17.52 -39.78
N VAL A 53 11.14 18.16 -40.94
CA VAL A 53 10.82 17.48 -42.19
C VAL A 53 11.53 16.12 -42.33
N ARG A 54 12.83 16.06 -42.09
CA ARG A 54 13.57 14.85 -42.29
C ARG A 54 13.14 13.70 -41.35
N SER A 55 13.01 14.02 -40.05
CA SER A 55 12.63 12.98 -39.09
C SER A 55 11.23 12.54 -39.38
N CYS A 56 10.35 13.44 -39.79
CA CYS A 56 8.95 13.03 -40.03
C CYS A 56 8.83 12.18 -41.30
N ARG A 57 9.63 12.48 -42.32
CA ARG A 57 9.67 11.64 -43.54
C ARG A 57 10.19 10.22 -43.24
N SER A 58 11.25 10.14 -42.47
CA SER A 58 11.82 8.87 -42.07
C SER A 58 10.78 8.06 -41.24
N ARG A 59 10.13 8.72 -40.28
CA ARG A 59 9.04 8.11 -39.54
C ARG A 59 7.89 7.58 -40.42
N TRP A 60 7.43 8.37 -41.38
CA TRP A 60 6.42 7.91 -42.33
C TRP A 60 6.85 6.66 -43.07
N MET A 61 8.15 6.58 -43.42
CA MET A 61 8.63 5.41 -44.17
C MET A 61 8.85 4.20 -43.25
N ARG A 62 9.36 4.39 -42.05
CA ARG A 62 9.74 3.30 -41.18
C ARG A 62 8.72 2.88 -40.15
N LEU A 63 7.83 3.79 -39.76
CA LEU A 63 6.87 3.57 -38.69
C LEU A 63 5.54 4.19 -39.05
N ARG A 64 5.11 3.88 -40.26
CA ARG A 64 3.91 4.47 -40.80
C ARG A 64 2.72 4.37 -39.87
N HIS A 65 2.59 3.26 -39.15
CA HIS A 65 1.38 3.04 -38.36
C HIS A 65 1.25 4.03 -37.22
N LEU A 66 2.35 4.70 -36.84
CA LEU A 66 2.32 5.74 -35.82
C LEU A 66 1.93 7.15 -36.34
N MET A 67 1.55 7.25 -37.64
CA MET A 67 1.29 8.55 -38.24
C MET A 67 -0.08 8.59 -38.91
N THR A 68 -0.88 7.55 -38.67
CA THR A 68 -2.15 7.40 -39.35
C THR A 68 -3.05 6.43 -38.59
N SER A 69 -4.36 6.57 -38.73
CA SER A 69 -5.30 5.56 -38.27
C SER A 69 -5.77 4.58 -39.36
N SER A 70 -5.23 4.72 -40.56
CA SER A 70 -5.68 3.93 -41.67
C SER A 70 -5.33 2.44 -41.49
N GLN A 71 -4.38 2.12 -40.62
CA GLN A 71 -4.05 0.72 -40.34
C GLN A 71 -4.58 0.23 -38.99
N TRP A 72 -5.31 1.03 -38.25
CA TRP A 72 -5.89 0.53 -37.01
C TRP A 72 -6.81 -0.70 -37.20
N PRO A 73 -6.67 -1.74 -36.36
CA PRO A 73 -7.60 -2.87 -36.45
C PRO A 73 -8.88 -2.52 -35.71
N GLU A 74 -9.89 -3.36 -35.86
CA GLU A 74 -11.18 -3.12 -35.22
C GLU A 74 -11.15 -3.41 -33.74
N THR A 75 -10.23 -4.26 -33.28
CA THR A 75 -10.07 -4.51 -31.83
C THR A 75 -8.59 -4.56 -31.50
N ARG A 76 -8.29 -4.38 -30.22
CA ARG A 76 -6.92 -4.48 -29.71
C ARG A 76 -6.95 -5.28 -28.41
N ASP A 77 -5.85 -5.97 -28.13
CA ASP A 77 -5.62 -6.60 -26.84
C ASP A 77 -4.36 -6.05 -26.22
N VAL A 78 -4.49 -5.54 -25.01
CA VAL A 78 -3.38 -4.92 -24.32
C VAL A 78 -3.26 -5.64 -22.96
N GLY A 79 -2.05 -5.99 -22.60
CA GLY A 79 -1.81 -6.62 -21.33
C GLY A 79 -1.56 -5.64 -20.22
N GLY A 80 -0.96 -6.15 -19.15
CA GLY A 80 -0.62 -5.34 -18.02
C GLY A 80 -1.83 -4.70 -17.39
N ILE A 81 -1.75 -3.38 -17.21
CA ILE A 81 -2.79 -2.68 -16.50
C ILE A 81 -4.13 -2.58 -17.27
N LEU A 82 -4.13 -2.91 -18.56
CA LEU A 82 -5.40 -3.04 -19.28
C LEU A 82 -5.85 -4.49 -19.50
N SER A 83 -5.24 -5.46 -18.82
CA SER A 83 -5.73 -6.85 -18.97
C SER A 83 -6.99 -7.03 -18.14
N PRO A 84 -7.99 -7.76 -18.71
CA PRO A 84 -9.16 -8.10 -17.95
C PRO A 84 -8.93 -9.34 -17.05
N HIS A 85 -7.72 -9.91 -17.01
CA HIS A 85 -7.44 -11.15 -16.24
C HIS A 85 -6.84 -10.84 -14.88
N PRO A 86 -7.50 -11.30 -13.79
CA PRO A 86 -7.02 -10.95 -12.43
C PRO A 86 -5.62 -11.39 -12.11
N GLU A 87 -5.21 -12.55 -12.65
CA GLU A 87 -3.87 -13.04 -12.52
C GLU A 87 -2.84 -12.11 -13.14
N GLU A 88 -3.19 -11.46 -14.22
CA GLU A 88 -2.30 -10.53 -14.86
C GLU A 88 -2.45 -9.06 -14.38
N ASN A 89 -3.57 -8.71 -13.77
CA ASN A 89 -3.91 -7.32 -13.43
C ASN A 89 -4.69 -7.43 -12.16
N PRO A 90 -3.99 -7.60 -11.05
CA PRO A 90 -4.75 -7.94 -9.84
C PRO A 90 -5.66 -6.88 -9.31
N TYR A 91 -5.36 -5.60 -9.51
CA TYR A 91 -6.18 -4.58 -8.89
C TYR A 91 -7.07 -3.77 -9.83
N TRP A 92 -6.87 -3.86 -11.13
CA TRP A 92 -7.62 -3.05 -12.10
C TRP A 92 -8.24 -3.89 -13.20
N HIS A 93 -8.25 -5.19 -13.02
CA HIS A 93 -8.86 -6.09 -14.04
C HIS A 93 -10.35 -5.80 -14.30
N ASN A 94 -11.04 -5.31 -13.29
CA ASN A 94 -12.46 -5.05 -13.37
C ASN A 94 -12.84 -3.57 -13.45
N ALA A 95 -11.94 -2.77 -13.96
CA ALA A 95 -12.20 -1.37 -14.25
C ALA A 95 -12.61 -1.18 -15.70
N ASN A 96 -13.17 -0.02 -16.05
CA ASN A 96 -13.34 0.37 -17.45
C ASN A 96 -11.96 0.63 -18.05
N HIS A 97 -11.71 0.12 -19.25
CA HIS A 97 -10.40 0.27 -19.86
C HIS A 97 -10.50 1.00 -21.20
N VAL A 98 -9.59 1.96 -21.41
CA VAL A 98 -9.51 2.78 -22.61
C VAL A 98 -8.07 2.76 -23.08
N LEU A 99 -7.90 2.54 -24.36
CA LEU A 99 -6.59 2.69 -25.03
C LEU A 99 -6.67 3.81 -26.06
N ILE A 100 -5.72 4.74 -26.00
CA ILE A 100 -5.61 5.78 -27.03
C ILE A 100 -4.35 5.57 -27.81
N PRO A 101 -4.49 5.11 -29.07
CA PRO A 101 -3.32 4.91 -29.90
C PRO A 101 -2.62 6.21 -30.18
N TYR A 102 -1.31 6.14 -30.42
CA TYR A 102 -0.48 7.28 -30.63
C TYR A 102 -0.30 7.46 -32.15
N CYS A 103 -0.87 8.52 -32.70
CA CYS A 103 -0.80 8.81 -34.14
C CYS A 103 -0.44 10.26 -34.52
N SER A 104 0.13 11.00 -33.57
CA SER A 104 0.43 12.42 -33.63
C SER A 104 1.90 12.77 -33.49
N SER A 105 2.74 11.85 -33.01
CA SER A 105 4.18 11.99 -33.09
C SER A 105 4.70 13.23 -32.37
N ASP A 106 3.96 13.70 -31.37
CA ASP A 106 4.21 15.00 -30.76
C ASP A 106 4.20 14.95 -29.18
N SER A 107 4.43 13.77 -28.62
CA SER A 107 4.40 13.56 -27.18
C SER A 107 3.10 14.00 -26.57
N TRP A 108 2.02 13.86 -27.33
CA TRP A 108 0.67 14.25 -26.85
C TRP A 108 0.52 15.73 -26.48
N SER A 109 1.31 16.58 -27.12
CA SER A 109 1.35 18.01 -26.82
C SER A 109 0.85 18.93 -27.93
N GLY A 110 0.56 18.38 -29.12
CA GLY A 110 0.38 19.21 -30.30
C GLY A 110 -0.99 19.86 -30.33
N THR A 111 -1.04 21.11 -30.82
CA THR A 111 -2.32 21.85 -30.98
C THR A 111 -2.49 22.43 -32.37
N ARG A 112 -1.64 21.98 -33.27
CA ARG A 112 -1.47 22.56 -34.60
C ARG A 112 -2.54 21.97 -35.49
N THR A 113 -3.68 22.65 -35.55
CA THR A 113 -4.84 22.23 -36.35
C THR A 113 -4.56 22.15 -37.86
N GLU A 114 -3.86 23.16 -38.39
CA GLU A 114 -3.43 23.14 -39.78
C GLU A 114 -1.93 23.18 -39.92
N PRO A 115 -1.39 22.52 -40.98
CA PRO A 115 0.06 22.42 -41.22
C PRO A 115 0.82 23.76 -41.17
N ASP A 116 1.99 23.73 -40.51
CA ASP A 116 2.85 24.90 -40.31
C ASP A 116 2.97 25.81 -41.54
N THR A 117 2.70 27.10 -41.36
CA THR A 117 2.81 28.10 -42.43
C THR A 117 4.25 28.28 -42.90
N SER A 118 5.20 28.16 -41.96
CA SER A 118 6.64 28.29 -42.22
C SER A 118 7.08 27.45 -43.43
N ASP A 119 6.77 26.15 -43.40
CA ASP A 119 7.00 25.26 -44.54
C ASP A 119 5.66 24.73 -45.06
N ARG A 120 5.27 25.19 -46.25
CA ARG A 120 4.15 24.60 -47.00
C ARG A 120 4.47 23.19 -47.53
N GLU A 121 5.72 22.73 -47.37
CA GLU A 121 6.12 21.36 -47.70
C GLU A 121 6.03 20.41 -46.47
N ASN A 122 6.08 20.96 -45.25
CA ASN A 122 5.75 20.19 -44.04
C ASN A 122 4.23 20.20 -43.83
N SER A 123 3.63 19.06 -44.15
CA SER A 123 2.19 18.93 -44.29
C SER A 123 1.48 18.23 -43.12
N TRP A 124 2.23 17.82 -42.11
CA TRP A 124 1.65 17.00 -41.04
C TRP A 124 0.81 17.81 -40.04
N ARG A 125 -0.27 17.22 -39.54
CA ARG A 125 -1.04 17.79 -38.47
C ARG A 125 -0.55 17.22 -37.14
N PHE A 126 -0.36 18.06 -36.12
CA PHE A 126 0.13 17.61 -34.82
C PHE A 126 -0.93 17.99 -33.80
N MET A 127 -1.79 17.04 -33.43
CA MET A 127 -2.95 17.34 -32.61
C MET A 127 -3.05 16.53 -31.29
N GLY A 128 -1.91 16.03 -30.79
CA GLY A 128 -1.95 15.09 -29.67
C GLY A 128 -2.70 15.60 -28.45
N ALA A 129 -2.46 16.85 -28.08
CA ALA A 129 -3.14 17.40 -26.91
C ALA A 129 -4.63 17.50 -27.10
N LEU A 130 -5.02 17.80 -28.33
CA LEU A 130 -6.43 17.96 -28.68
C LEU A 130 -7.14 16.61 -28.79
N ILE A 131 -6.42 15.58 -29.25
CA ILE A 131 -6.90 14.18 -29.25
C ILE A 131 -7.23 13.70 -27.83
N LEU A 132 -6.29 13.90 -26.93
CA LEU A 132 -6.48 13.40 -25.55
C LEU A 132 -7.73 14.11 -24.95
N ARG A 133 -7.77 15.41 -25.12
CA ARG A 133 -8.87 16.21 -24.52
C ARG A 133 -10.22 15.73 -25.12
N GLN A 134 -10.25 15.44 -26.42
CA GLN A 134 -11.47 15.03 -27.08
C GLN A 134 -11.89 13.62 -26.62
N VAL A 135 -10.93 12.72 -26.42
CA VAL A 135 -11.25 11.39 -25.91
C VAL A 135 -11.84 11.52 -24.49
N ILE A 136 -11.21 12.28 -23.62
CA ILE A 136 -11.75 12.42 -22.29
C ILE A 136 -13.19 13.01 -22.36
N ALA A 137 -13.40 14.03 -23.18
CA ALA A 137 -14.75 14.56 -23.40
C ALA A 137 -15.75 13.52 -23.87
N GLU A 138 -15.35 12.64 -24.78
CA GLU A 138 -16.26 11.60 -25.27
C GLU A 138 -16.53 10.44 -24.29
N LEU A 139 -15.70 10.27 -23.27
CA LEU A 139 -16.01 9.26 -22.27
C LEU A 139 -17.14 9.68 -21.33
N ILE A 140 -17.34 10.98 -21.19
CA ILE A 140 -18.34 11.48 -20.26
C ILE A 140 -19.76 10.94 -20.59
N PRO A 141 -20.24 11.10 -21.83
CA PRO A 141 -21.57 10.54 -22.10
C PRO A 141 -21.59 9.02 -22.07
N VAL A 142 -20.42 8.37 -22.02
CA VAL A 142 -20.37 6.93 -21.91
C VAL A 142 -20.18 6.44 -20.46
N GLY A 143 -20.12 7.35 -19.49
CA GLY A 143 -20.09 6.96 -18.09
C GLY A 143 -19.01 7.59 -17.24
N LEU A 144 -18.00 8.24 -17.84
CA LEU A 144 -16.90 8.75 -17.02
C LEU A 144 -17.40 9.80 -16.05
N GLY A 145 -17.26 9.55 -14.74
CA GLY A 145 -17.66 10.50 -13.72
C GLY A 145 -19.18 10.60 -13.51
N ARG A 146 -19.96 9.77 -14.19
CA ARG A 146 -21.42 9.84 -14.09
C ARG A 146 -21.95 9.57 -12.67
N VAL A 147 -21.37 8.59 -11.98
CA VAL A 147 -21.76 8.26 -10.62
C VAL A 147 -20.70 8.88 -9.73
N PRO A 148 -21.12 9.69 -8.74
CA PRO A 148 -20.13 10.26 -7.83
C PRO A 148 -19.23 9.19 -7.18
N GLY A 149 -17.97 9.52 -6.90
CA GLY A 149 -17.12 8.60 -6.18
C GLY A 149 -16.21 7.79 -7.13
N GLY A 150 -16.27 8.09 -8.40
CA GLY A 150 -15.54 7.35 -9.43
C GLY A 150 -14.10 7.83 -9.52
N GLU A 151 -13.33 7.23 -10.41
CA GLU A 151 -11.89 7.55 -10.45
C GLU A 151 -11.40 7.44 -11.88
N LEU A 152 -10.36 8.18 -12.19
CA LEU A 152 -9.70 8.10 -13.48
C LEU A 152 -8.21 7.97 -13.22
N MET A 153 -7.59 6.92 -13.74
CA MET A 153 -6.12 6.87 -13.72
C MET A 153 -5.69 7.02 -15.18
N LEU A 154 -4.95 8.09 -15.45
CA LEU A 154 -4.49 8.41 -16.76
C LEU A 154 -3.04 7.92 -16.81
N VAL A 155 -2.75 6.96 -17.66
CA VAL A 155 -1.44 6.31 -17.62
C VAL A 155 -0.82 6.32 -18.98
N GLY A 156 0.49 6.27 -19.03
CA GLY A 156 1.16 6.35 -20.33
C GLY A 156 2.54 5.79 -20.31
N SER A 157 2.98 5.27 -21.46
CA SER A 157 4.34 4.70 -21.57
C SER A 157 5.14 5.48 -22.60
N SER A 158 6.39 5.73 -22.28
CA SER A 158 7.30 6.39 -23.19
C SER A 158 6.83 7.84 -23.50
N ALA A 159 6.62 8.18 -24.78
CA ALA A 159 6.00 9.44 -25.14
C ALA A 159 4.62 9.63 -24.48
N GLY A 160 3.90 8.54 -24.21
CA GLY A 160 2.65 8.55 -23.46
C GLY A 160 2.87 8.98 -22.01
N GLY A 161 4.00 8.63 -21.43
CA GLY A 161 4.29 9.02 -20.06
C GLY A 161 4.46 10.52 -19.96
N MET A 162 5.22 11.07 -20.89
CA MET A 162 5.31 12.53 -21.06
C MET A 162 3.97 13.14 -21.28
N GLY A 163 3.18 12.53 -22.14
CA GLY A 163 1.86 12.95 -22.41
C GLY A 163 0.97 13.06 -21.19
N VAL A 164 1.08 12.12 -20.29
CA VAL A 164 0.35 12.17 -19.05
C VAL A 164 0.83 13.39 -18.24
N MET A 165 2.13 13.48 -18.04
CA MET A 165 2.66 14.61 -17.24
C MET A 165 2.25 15.98 -17.77
N LEU A 166 2.36 16.15 -19.08
CA LEU A 166 2.00 17.39 -19.73
C LEU A 166 0.58 17.78 -19.57
N ASN A 167 -0.33 16.80 -19.58
CA ASN A 167 -1.75 17.12 -19.64
C ASN A 167 -2.57 16.84 -18.40
N LEU A 168 -1.95 16.30 -17.36
CA LEU A 168 -2.66 15.75 -16.22
C LEU A 168 -3.46 16.84 -15.51
N ASP A 169 -2.81 17.94 -15.13
CA ASP A 169 -3.50 19.03 -14.37
C ASP A 169 -4.66 19.62 -15.19
N ARG A 170 -4.43 19.82 -16.49
CA ARG A 170 -5.53 20.25 -17.41
C ARG A 170 -6.74 19.33 -17.46
N ILE A 171 -6.46 18.03 -17.56
CA ILE A 171 -7.54 17.04 -17.63
C ILE A 171 -8.25 17.01 -16.30
N ARG A 172 -7.51 17.04 -15.19
CA ARG A 172 -8.13 17.09 -13.89
CA ARG A 172 -8.16 17.07 -13.88
C ARG A 172 -9.07 18.30 -13.73
N ASP A 173 -8.58 19.46 -14.17
CA ASP A 173 -9.33 20.70 -14.06
CA ASP A 173 -9.34 20.68 -14.04
C ASP A 173 -10.58 20.66 -14.92
N PHE A 174 -10.45 20.15 -16.13
CA PHE A 174 -11.62 19.91 -17.00
C PHE A 174 -12.73 19.08 -16.31
N LEU A 175 -12.37 17.93 -15.74
CA LEU A 175 -13.36 17.06 -15.16
C LEU A 175 -13.93 17.57 -13.86
N VAL A 176 -13.06 18.09 -13.00
CA VAL A 176 -13.45 18.48 -11.65
C VAL A 176 -14.01 19.89 -11.61
N ASN A 177 -13.34 20.84 -12.27
CA ASN A 177 -13.82 22.22 -12.24
C ASN A 177 -14.80 22.57 -13.32
N GLU A 178 -14.45 22.34 -14.57
CA GLU A 178 -15.36 22.67 -15.64
C GLU A 178 -16.61 21.81 -15.61
N LYS A 179 -16.45 20.48 -15.51
CA LYS A 179 -17.59 19.59 -15.67
C LYS A 179 -18.24 19.25 -14.33
N LYS A 180 -17.67 19.71 -13.23
CA LYS A 180 -18.24 19.50 -11.88
C LYS A 180 -18.39 18.05 -11.45
N LEU A 181 -17.56 17.14 -11.96
CA LEU A 181 -17.75 15.73 -11.62
C LEU A 181 -17.13 15.42 -10.28
N GLN A 182 -17.71 14.49 -9.53
CA GLN A 182 -17.18 14.09 -8.23
C GLN A 182 -16.28 12.88 -8.49
N ILE A 183 -15.04 13.15 -8.93
CA ILE A 183 -14.15 12.08 -9.45
C ILE A 183 -12.73 12.37 -9.01
N THR A 184 -12.00 11.33 -8.66
CA THR A 184 -10.61 11.45 -8.26
C THR A 184 -9.75 11.15 -9.48
N VAL A 185 -8.82 12.05 -9.80
CA VAL A 185 -7.94 11.85 -10.95
C VAL A 185 -6.47 11.70 -10.51
N ARG A 186 -5.77 10.76 -11.16
CA ARG A 186 -4.36 10.50 -10.91
C ARG A 186 -3.67 10.14 -12.20
N GLY A 187 -2.37 10.23 -12.21
CA GLY A 187 -1.65 9.88 -13.42
C GLY A 187 -0.48 9.00 -13.14
N VAL A 188 -0.07 8.24 -14.14
CA VAL A 188 1.09 7.39 -14.03
C VAL A 188 1.95 7.59 -15.27
N SER A 189 3.24 7.83 -15.08
CA SER A 189 4.20 7.97 -16.20
C SER A 189 5.14 6.78 -16.13
N ASP A 190 5.14 5.96 -17.16
CA ASP A 190 5.98 4.83 -17.30
C ASP A 190 7.04 5.11 -18.37
N SER A 191 8.28 5.16 -17.97
CA SER A 191 9.36 5.36 -18.92
C SER A 191 9.27 6.64 -19.74
N GLY A 192 8.77 7.70 -19.11
CA GLY A 192 8.65 9.01 -19.71
C GLY A 192 9.49 10.08 -19.08
N TRP A 193 10.40 9.70 -18.16
CA TRP A 193 11.19 10.64 -17.37
C TRP A 193 12.59 10.72 -17.96
N PHE A 194 12.78 11.72 -18.82
CA PHE A 194 13.97 11.88 -19.67
C PHE A 194 14.88 12.98 -19.17
N LEU A 195 16.15 12.84 -19.43
CA LEU A 195 17.11 13.83 -19.01
C LEU A 195 17.84 14.40 -20.20
N ASP A 196 18.21 15.66 -20.08
CA ASP A 196 19.11 16.28 -21.06
C ASP A 196 20.51 16.38 -20.46
N ARG A 197 21.45 15.68 -21.05
CA ARG A 197 22.76 15.57 -20.46
C ARG A 197 23.67 15.34 -21.62
N GLU A 198 24.96 15.47 -21.34
CA GLU A 198 25.97 15.34 -22.36
C GLU A 198 25.92 13.90 -22.93
N PRO A 199 25.81 13.77 -24.26
CA PRO A 199 25.81 12.45 -24.90
C PRO A 199 27.16 11.71 -24.81
N TYR A 200 27.12 10.40 -25.05
CA TYR A 200 28.33 9.59 -25.03
C TYR A 200 29.29 10.16 -26.07
N THR A 201 28.80 10.34 -27.29
CA THR A 201 29.49 11.13 -28.31
C THR A 201 28.48 12.07 -28.96
N PRO A 202 28.95 13.25 -29.44
CA PRO A 202 28.11 14.24 -30.12
C PRO A 202 27.09 13.64 -31.07
N ALA A 203 25.86 14.14 -31.00
CA ALA A 203 24.77 13.68 -31.85
C ALA A 203 24.68 14.54 -33.13
N ALA A 204 23.86 14.09 -34.07
CA ALA A 204 23.55 14.89 -35.26
C ALA A 204 22.98 16.26 -34.87
N VAL A 205 22.08 16.30 -33.87
CA VAL A 205 21.55 17.57 -33.34
C VAL A 205 21.33 17.54 -31.81
N ALA A 206 21.79 18.59 -31.13
CA ALA A 206 21.63 18.73 -29.68
C ALA A 206 20.24 18.31 -29.22
N SER A 207 20.19 17.49 -28.17
CA SER A 207 18.92 17.05 -27.59
C SER A 207 17.96 18.23 -27.49
N ASN A 208 18.41 19.25 -26.74
CA ASN A 208 17.61 20.44 -26.49
C ASN A 208 17.19 21.17 -27.77
N GLU A 209 18.03 21.10 -28.81
CA GLU A 209 17.68 21.74 -30.07
C GLU A 209 16.53 21.04 -30.79
N ALA A 210 16.50 19.71 -30.75
CA ALA A 210 15.36 18.96 -31.29
C ALA A 210 14.07 19.24 -30.52
N VAL A 211 14.18 19.37 -29.20
CA VAL A 211 13.02 19.60 -28.36
C VAL A 211 12.42 20.97 -28.69
N ARG A 212 13.26 21.97 -28.80
CA ARG A 212 12.80 23.32 -29.13
C ARG A 212 12.12 23.36 -30.47
N GLN A 213 12.69 22.68 -31.45
CA GLN A 213 12.12 22.64 -32.80
C GLN A 213 10.78 21.90 -32.83
N GLY A 214 10.68 20.82 -32.06
CA GLY A 214 9.43 20.12 -31.98
C GLY A 214 8.35 20.95 -31.35
N TRP A 215 8.68 21.55 -30.20
CA TRP A 215 7.77 22.45 -29.51
C TRP A 215 7.21 23.49 -30.47
N LYS A 216 8.07 24.07 -31.29
CA LYS A 216 7.58 25.03 -32.30
C LYS A 216 6.72 24.38 -33.38
N LEU A 217 7.22 23.30 -33.95
CA LEU A 217 6.46 22.63 -35.01
C LEU A 217 5.10 22.10 -34.57
N TRP A 218 5.02 21.58 -33.36
CA TRP A 218 3.79 20.98 -32.86
C TRP A 218 2.78 21.97 -32.31
N GLN A 219 3.26 23.20 -32.09
CA GLN A 219 2.58 24.20 -31.24
C GLN A 219 2.28 23.62 -29.88
N GLY A 220 3.33 23.17 -29.23
CA GLY A 220 3.18 22.36 -28.05
C GLY A 220 2.47 23.06 -26.94
N LEU A 221 1.50 22.39 -26.34
CA LEU A 221 0.76 22.97 -25.21
C LEU A 221 1.36 22.44 -23.89
N LEU A 222 1.88 23.35 -23.09
CA LEU A 222 2.70 23.01 -21.93
C LEU A 222 1.99 23.53 -20.69
N PRO A 223 2.28 22.94 -19.55
CA PRO A 223 1.53 23.41 -18.37
C PRO A 223 1.90 24.82 -17.93
N GLU A 224 0.88 25.62 -17.67
CA GLU A 224 1.05 27.03 -17.31
C GLU A 224 1.92 27.23 -16.11
N GLU A 225 1.81 26.39 -15.11
CA GLU A 225 2.63 26.64 -13.93
C GLU A 225 4.09 26.39 -14.19
N CYS A 226 4.39 25.41 -15.00
CA CYS A 226 5.75 25.13 -15.35
C CYS A 226 6.37 26.18 -16.29
N THR A 227 5.61 26.68 -17.26
CA THR A 227 6.20 27.67 -18.21
C THR A 227 6.50 29.02 -17.53
N LYS A 228 5.76 29.35 -16.47
CA LYS A 228 6.12 30.51 -15.65
C LYS A 228 7.52 30.43 -15.04
N SER A 229 8.01 29.23 -14.75
CA SER A 229 9.38 29.07 -14.23
C SER A 229 10.41 29.08 -15.34
N TYR A 230 9.97 28.88 -16.58
CA TYR A 230 10.88 28.83 -17.72
C TYR A 230 10.40 29.76 -18.84
N PRO A 231 10.28 31.08 -18.55
CA PRO A 231 9.77 32.04 -19.53
C PRO A 231 10.65 32.20 -20.78
N THR A 232 11.95 32.01 -20.64
CA THR A 232 12.83 32.11 -21.80
C THR A 232 13.02 30.79 -22.58
N GLU A 233 12.69 29.65 -21.97
CA GLU A 233 12.85 28.34 -22.65
C GLU A 233 11.73 27.44 -22.18
N PRO A 234 10.51 27.72 -22.62
CA PRO A 234 9.35 27.02 -22.05
C PRO A 234 9.34 25.49 -22.34
N TRP A 235 10.00 25.13 -23.43
CA TRP A 235 10.18 23.74 -23.84
C TRP A 235 10.95 22.88 -22.85
N ARG A 236 11.59 23.49 -21.85
CA ARG A 236 12.19 22.78 -20.74
C ARG A 236 11.12 21.96 -20.01
N CYS A 237 9.85 22.34 -20.16
CA CYS A 237 8.75 21.66 -19.53
C CYS A 237 8.41 20.29 -20.13
N TYR A 238 9.08 19.91 -21.21
CA TYR A 238 8.96 18.53 -21.69
C TYR A 238 9.70 17.57 -20.78
N TYR A 239 10.64 18.06 -19.97
CA TYR A 239 11.36 17.16 -19.10
C TYR A 239 10.66 17.00 -17.77
N GLY A 240 10.42 15.74 -17.41
CA GLY A 240 9.60 15.45 -16.24
C GLY A 240 10.13 16.06 -14.99
N TYR A 241 11.44 16.03 -14.81
CA TYR A 241 12.00 16.56 -13.59
C TYR A 241 11.83 18.08 -13.49
N ARG A 242 11.65 18.75 -14.60
CA ARG A 242 11.42 20.21 -14.59
C ARG A 242 9.93 20.52 -14.37
N LEU A 243 9.08 19.69 -14.91
CA LEU A 243 7.64 19.86 -14.78
CA LEU A 243 7.63 19.84 -14.77
C LEU A 243 7.12 19.45 -13.39
N TYR A 244 7.74 18.44 -12.79
CA TYR A 244 7.21 17.82 -11.56
C TYR A 244 6.96 18.79 -10.39
N PRO A 245 7.89 19.70 -10.09
CA PRO A 245 7.67 20.57 -8.93
C PRO A 245 6.38 21.37 -8.92
N THR A 246 5.80 21.68 -10.08
CA THR A 246 4.54 22.42 -10.11
C THR A 246 3.34 21.60 -10.48
N LEU A 247 3.48 20.27 -10.48
CA LEU A 247 2.34 19.45 -10.82
C LEU A 247 1.49 19.33 -9.55
N LYS A 248 0.19 19.56 -9.64
CA LYS A 248 -0.68 19.43 -8.48
C LYS A 248 -1.34 18.08 -8.34
N THR A 249 -1.65 17.42 -9.44
CA THR A 249 -2.33 16.13 -9.36
C THR A 249 -1.36 14.97 -9.05
N PRO A 250 -1.81 13.96 -8.27
CA PRO A 250 -0.90 12.84 -7.94
C PRO A 250 -0.36 12.13 -9.19
N LEU A 251 0.94 11.91 -9.20
CA LEU A 251 1.66 11.22 -10.29
C LEU A 251 2.61 10.15 -9.80
N PHE A 252 2.37 8.89 -10.19
CA PHE A 252 3.28 7.82 -9.91
C PHE A 252 4.29 7.75 -11.04
N VAL A 253 5.57 7.68 -10.70
CA VAL A 253 6.63 7.56 -11.74
C VAL A 253 7.26 6.18 -11.69
N PHE A 254 7.16 5.45 -12.81
CA PHE A 254 7.92 4.24 -13.01
C PHE A 254 9.03 4.55 -13.99
N GLN A 255 10.27 4.18 -13.66
CA GLN A 255 11.37 4.44 -14.57
C GLN A 255 12.44 3.38 -14.37
N TRP A 256 12.76 2.64 -15.44
CA TRP A 256 13.95 1.81 -15.42
C TRP A 256 15.19 2.69 -15.26
N LEU A 257 16.07 2.37 -14.32
CA LEU A 257 17.26 3.21 -14.09
C LEU A 257 18.23 3.17 -15.29
N PHE A 258 18.22 2.07 -16.05
CA PHE A 258 19.00 1.95 -17.28
C PHE A 258 18.05 1.89 -18.47
N ASP A 259 17.31 2.96 -18.63
CA ASP A 259 16.28 3.03 -19.66
C ASP A 259 16.91 3.08 -21.05
N GLU A 260 16.44 2.19 -21.90
CA GLU A 260 16.96 2.07 -23.29
C GLU A 260 16.70 3.27 -24.20
N ALA A 261 15.61 4.02 -23.95
CA ALA A 261 15.33 5.23 -24.69
C ALA A 261 16.33 6.34 -24.30
N GLN A 262 16.64 6.48 -23.02
CA GLN A 262 17.64 7.40 -22.60
C GLN A 262 19.02 7.01 -23.23
N MET A 263 19.32 5.74 -23.35
CA MET A 263 20.62 5.34 -24.02
C MET A 263 20.66 5.78 -25.47
N ARG A 264 19.51 5.71 -26.14
CA ARG A 264 19.42 6.18 -27.53
C ARG A 264 19.54 7.71 -27.59
N VAL A 265 18.83 8.42 -26.72
CA VAL A 265 18.97 9.88 -26.62
C VAL A 265 20.46 10.25 -26.42
N ASP A 266 21.12 9.60 -25.47
CA ASP A 266 22.53 9.84 -25.18
C ASP A 266 23.54 9.27 -26.20
N ASN A 267 23.04 8.60 -27.24
CA ASN A 267 23.86 8.20 -28.36
C ASN A 267 24.99 7.24 -27.95
N VAL A 268 24.67 6.35 -27.01
CA VAL A 268 25.65 5.41 -26.50
C VAL A 268 26.04 4.38 -27.54
N GLY A 269 25.03 3.92 -28.31
CA GLY A 269 25.17 2.78 -29.19
C GLY A 269 24.91 1.51 -28.42
N ALA A 270 24.79 0.40 -29.13
CA ALA A 270 24.77 -0.92 -28.51
C ALA A 270 26.08 -1.14 -27.73
N PRO A 271 25.99 -1.34 -26.42
CA PRO A 271 27.19 -1.29 -25.58
C PRO A 271 28.04 -2.53 -25.67
N VAL A 272 29.25 -2.38 -26.21
CA VAL A 272 30.16 -3.55 -26.39
C VAL A 272 31.59 -3.23 -25.93
N THR A 273 31.76 -2.11 -25.25
CA THR A 273 33.06 -1.68 -24.73
C THR A 273 32.86 -1.21 -23.31
N PRO A 274 33.92 -1.26 -22.50
CA PRO A 274 33.85 -0.79 -21.11
C PRO A 274 33.54 0.70 -21.02
N GLN A 275 34.05 1.49 -21.97
CA GLN A 275 33.69 2.93 -22.03
C GLN A 275 32.15 3.14 -22.11
N GLN A 276 31.50 2.41 -23.00
CA GLN A 276 30.04 2.53 -23.11
C GLN A 276 29.33 2.06 -21.82
N TRP A 277 29.74 0.90 -21.29
CA TRP A 277 29.16 0.42 -20.05
C TRP A 277 29.34 1.39 -18.86
N ASN A 278 30.50 1.98 -18.72
CA ASN A 278 30.68 2.98 -17.65
C ASN A 278 29.78 4.19 -17.88
N TYR A 279 29.61 4.59 -19.14
CA TYR A 279 28.68 5.67 -19.41
C TYR A 279 27.27 5.26 -18.95
N ILE A 280 26.86 4.03 -19.22
CA ILE A 280 25.51 3.60 -18.86
C ILE A 280 25.34 3.54 -17.32
N HIS A 281 26.38 3.06 -16.63
CA HIS A 281 26.38 3.02 -15.18
C HIS A 281 26.14 4.42 -14.63
N GLU A 282 26.84 5.41 -15.17
CA GLU A 282 26.69 6.79 -14.70
C GLU A 282 25.33 7.36 -15.07
N MET A 283 24.79 6.94 -16.21
CA MET A 283 23.47 7.38 -16.64
C MET A 283 22.44 6.98 -15.61
N GLY A 284 22.53 5.74 -15.14
CA GLY A 284 21.66 5.25 -14.11
C GLY A 284 21.70 6.08 -12.82
N GLY A 285 22.89 6.49 -12.41
CA GLY A 285 23.02 7.35 -11.25
C GLY A 285 22.38 8.72 -11.45
N ALA A 286 22.54 9.29 -12.65
CA ALA A 286 21.91 10.57 -12.95
C ALA A 286 20.38 10.46 -12.94
N LEU A 287 19.84 9.39 -13.49
CA LEU A 287 18.40 9.18 -13.44
C LEU A 287 17.92 9.10 -12.03
N ARG A 288 18.63 8.30 -11.22
CA ARG A 288 18.27 8.16 -9.85
C ARG A 288 18.23 9.49 -9.12
N SER A 289 19.26 10.32 -9.31
CA SER A 289 19.30 11.67 -8.70
C SER A 289 18.18 12.56 -9.13
N SER A 290 17.79 12.43 -10.40
CA SER A 290 16.77 13.28 -10.97
C SER A 290 15.40 12.94 -10.38
N LEU A 291 15.30 11.82 -9.68
CA LEU A 291 14.02 11.42 -9.10
C LEU A 291 13.95 11.81 -7.60
N ASP A 292 14.92 12.59 -7.11
CA ASP A 292 15.01 12.90 -5.68
C ASP A 292 13.77 13.51 -5.11
N ASN A 293 13.04 14.32 -5.86
CA ASN A 293 11.88 14.94 -5.21
C ASN A 293 10.56 14.24 -5.42
N VAL A 294 10.56 13.12 -6.15
CA VAL A 294 9.31 12.47 -6.46
C VAL A 294 8.83 11.68 -5.27
N SER A 295 7.58 11.90 -4.92
CA SER A 295 6.93 11.29 -3.79
C SER A 295 6.59 9.77 -3.97
N ALA A 296 6.15 9.38 -5.17
CA ALA A 296 5.74 8.01 -5.49
C ALA A 296 6.53 7.58 -6.72
N VAL A 297 7.50 6.70 -6.52
CA VAL A 297 8.48 6.29 -7.57
C VAL A 297 8.76 4.80 -7.43
N PHE A 298 8.89 4.15 -8.58
CA PHE A 298 9.27 2.76 -8.65
C PHE A 298 10.33 2.69 -9.73
N ALA A 299 11.58 2.47 -9.31
CA ALA A 299 12.73 2.58 -10.20
C ALA A 299 13.74 1.44 -10.02
N PRO A 300 13.56 0.35 -10.80
CA PRO A 300 14.44 -0.82 -10.68
C PRO A 300 15.74 -0.63 -11.44
N SER A 301 16.82 -1.25 -10.96
CA SER A 301 18.11 -1.20 -11.65
C SER A 301 18.16 -2.22 -12.78
N CYS A 302 17.40 -1.99 -13.84
CA CYS A 302 17.33 -2.93 -14.96
C CYS A 302 17.35 -2.11 -16.20
N ILE A 303 17.80 -2.74 -17.29
CA ILE A 303 17.75 -2.23 -18.61
C ILE A 303 16.39 -2.57 -19.14
N GLY A 304 15.67 -1.59 -19.61
CA GLY A 304 14.34 -1.83 -20.22
C GLY A 304 13.76 -0.54 -20.77
N HIS A 305 12.53 -0.62 -21.27
CA HIS A 305 11.78 0.52 -21.69
C HIS A 305 10.31 0.13 -21.79
N GLY A 306 9.48 0.71 -20.93
CA GLY A 306 8.06 0.39 -20.90
C GLY A 306 7.79 -0.75 -19.95
N VAL A 307 6.61 -0.74 -19.33
CA VAL A 307 6.25 -1.83 -18.48
C VAL A 307 4.75 -1.99 -18.31
N LEU A 308 3.98 -0.92 -18.44
CA LEU A 308 2.56 -0.98 -17.99
C LEU A 308 1.67 -1.81 -18.84
N PHE A 309 2.10 -2.09 -20.07
CA PHE A 309 1.27 -2.87 -20.99
C PHE A 309 1.78 -4.32 -21.07
N LYS A 310 2.77 -4.67 -20.26
CA LYS A 310 3.40 -5.98 -20.33
C LYS A 310 2.87 -6.95 -19.30
N ARG A 311 2.63 -8.20 -19.73
CA ARG A 311 2.18 -9.26 -18.81
C ARG A 311 3.12 -9.43 -17.60
N ASP A 312 4.42 -9.33 -17.81
CA ASP A 312 5.39 -9.49 -16.74
C ASP A 312 5.52 -8.28 -15.78
N TRP A 313 4.65 -7.28 -15.92
CA TRP A 313 4.62 -6.18 -14.96
C TRP A 313 4.39 -6.65 -13.54
N VAL A 314 3.73 -7.80 -13.38
CA VAL A 314 3.50 -8.38 -12.07
C VAL A 314 4.76 -8.97 -11.43
N ASN A 315 5.82 -9.18 -12.22
CA ASN A 315 7.04 -9.84 -11.71
C ASN A 315 8.15 -8.93 -11.24
N ILE A 316 8.16 -7.66 -11.64
CA ILE A 316 9.23 -6.77 -11.26
C ILE A 316 8.99 -6.33 -9.81
N LYS A 317 10.01 -6.51 -8.96
CA LYS A 317 9.89 -6.23 -7.56
C LYS A 317 11.09 -5.46 -7.12
N ILE A 318 10.85 -4.57 -6.21
CA ILE A 318 11.92 -3.89 -5.50
C ILE A 318 11.64 -4.11 -4.02
N ASP A 319 12.66 -4.53 -3.26
CA ASP A 319 12.47 -4.87 -1.83
C ASP A 319 11.27 -5.86 -1.64
N ASP A 320 11.12 -6.79 -2.56
CA ASP A 320 10.01 -7.75 -2.58
C ASP A 320 8.61 -7.14 -2.71
N ILE A 321 8.50 -5.92 -3.22
CA ILE A 321 7.23 -5.31 -3.49
C ILE A 321 7.08 -5.21 -5.01
N SER A 322 5.98 -5.73 -5.50
CA SER A 322 5.70 -5.74 -6.93
C SER A 322 5.23 -4.36 -7.37
N LEU A 323 5.35 -4.10 -8.66
CA LEU A 323 4.82 -2.87 -9.19
C LEU A 323 3.34 -2.68 -9.00
N PRO A 324 2.52 -3.71 -9.27
CA PRO A 324 1.07 -3.42 -9.02
C PRO A 324 0.73 -3.17 -7.56
N SER A 325 1.43 -3.84 -6.65
CA SER A 325 1.24 -3.62 -5.23
C SER A 325 1.59 -2.19 -4.83
N ALA A 326 2.73 -1.70 -5.30
CA ALA A 326 3.13 -0.30 -5.09
C ALA A 326 2.14 0.69 -5.66
N LEU A 327 1.63 0.43 -6.87
CA LEU A 327 0.70 1.33 -7.48
C LEU A 327 -0.61 1.36 -6.67
N ARG A 328 -1.03 0.19 -6.22
CA ARG A 328 -2.25 0.08 -5.39
C ARG A 328 -2.08 0.87 -4.06
N CYS A 329 -0.96 0.74 -3.39
CA CYS A 329 -0.71 1.46 -2.15
CA CYS A 329 -0.70 1.45 -2.15
C CYS A 329 -0.66 2.99 -2.40
N TRP A 330 -0.10 3.43 -3.53
CA TRP A 330 -0.20 4.86 -3.93
C TRP A 330 -1.63 5.30 -4.15
N GLU A 331 -2.41 4.45 -4.77
CA GLU A 331 -3.78 4.76 -5.01
C GLU A 331 -4.47 4.99 -3.67
N HIS A 332 -4.29 4.07 -2.72
CA HIS A 332 -4.90 4.21 -1.37
C HIS A 332 -4.49 5.49 -0.69
N SER A 333 -3.20 5.83 -0.77
CA SER A 333 -2.69 6.93 -0.02
C SER A 333 -3.07 8.30 -0.63
N THR A 334 -3.51 8.34 -1.88
CA THR A 334 -3.88 9.58 -2.54
C THR A 334 -5.39 9.65 -2.79
N ARG A 335 -6.16 8.88 -2.03
CA ARG A 335 -7.60 8.77 -2.25
C ARG A 335 -8.32 10.07 -1.92
N SER A 336 -7.69 10.96 -1.17
CA SER A 336 -8.20 12.34 -0.99
C SER A 336 -7.30 13.29 -1.75
N GLY A 343 3.85 8.97 -0.64
CA GLY A 343 3.73 7.61 -1.17
C GLY A 343 5.03 6.83 -0.99
N LEU A 344 5.17 5.72 -1.71
CA LEU A 344 6.36 4.90 -1.54
C LEU A 344 7.42 5.37 -2.51
N ARG A 345 8.62 5.56 -1.99
CA ARG A 345 9.80 5.77 -2.80
C ARG A 345 10.55 4.47 -2.91
N LEU A 346 10.26 3.70 -3.94
CA LEU A 346 10.92 2.47 -4.17
C LEU A 346 11.98 2.61 -5.26
N LEU A 347 13.19 2.90 -4.87
CA LEU A 347 14.30 2.93 -5.81
C LEU A 347 15.23 1.82 -5.37
N GLU A 348 15.79 1.15 -6.34
CA GLU A 348 16.64 0.03 -6.08
C GLU A 348 17.74 0.46 -5.13
N ARG A 349 18.05 -0.37 -4.14
CA ARG A 349 19.14 -0.03 -3.21
C ARG A 349 20.54 -0.48 -3.67
N CYS A 350 20.64 -1.28 -4.73
CA CYS A 350 21.90 -1.47 -5.43
C CYS A 350 21.88 -0.64 -6.70
N SER A 351 23.07 -0.23 -7.12
CA SER A 351 23.28 0.82 -8.10
C SER A 351 23.66 0.35 -9.51
N TRP A 352 23.80 -0.93 -9.77
CA TRP A 352 24.44 -1.34 -11.03
C TRP A 352 23.50 -2.12 -11.93
N PRO A 353 23.82 -2.21 -13.23
CA PRO A 353 22.88 -2.84 -14.16
C PRO A 353 22.54 -4.26 -13.82
N GLN A 354 21.23 -4.55 -13.73
CA GLN A 354 20.73 -5.92 -13.56
C GLN A 354 21.03 -6.48 -12.19
N CYS A 355 21.25 -5.61 -11.21
CA CYS A 355 21.48 -6.06 -9.86
C CYS A 355 20.17 -6.52 -9.18
N ASN A 356 19.02 -6.25 -9.79
CA ASN A 356 17.73 -6.75 -9.33
C ASN A 356 17.49 -8.19 -9.83
N HIS A 357 17.25 -9.14 -8.95
CA HIS A 357 17.05 -10.52 -9.41
C HIS A 357 15.77 -10.65 -10.24
N SER A 358 14.82 -9.73 -10.13
CA SER A 358 13.60 -9.88 -10.90
C SER A 358 13.64 -9.16 -12.22
N CYS A 359 14.81 -8.73 -12.72
CA CYS A 359 14.84 -7.99 -14.01
C CYS A 359 14.27 -8.86 -15.15
N PRO A 360 13.47 -8.29 -16.06
CA PRO A 360 12.96 -9.11 -17.16
C PRO A 360 13.99 -9.27 -18.26
N THR A 361 13.68 -10.13 -19.23
CA THR A 361 14.39 -10.12 -20.51
C THR A 361 13.73 -11.06 -21.52
N ARG B 7 -1.85 -28.42 5.70
CA ARG B 7 -1.28 -28.99 6.97
C ARG B 7 -1.54 -28.00 8.09
N SER B 8 -1.74 -28.54 9.29
CA SER B 8 -2.14 -27.72 10.42
C SER B 8 -0.96 -27.11 11.16
N LEU B 9 -1.31 -26.24 12.09
CA LEU B 9 -0.35 -25.75 13.02
C LEU B 9 -0.15 -26.86 14.05
N LYS B 10 1.09 -27.27 14.27
CA LYS B 10 1.40 -28.43 15.15
C LYS B 10 1.90 -27.96 16.49
N ARG B 11 1.44 -28.62 17.54
CA ARG B 11 1.82 -28.26 18.91
C ARG B 11 3.31 -28.45 19.15
N ALA B 12 3.92 -27.51 19.85
CA ALA B 12 5.34 -27.56 20.21
C ALA B 12 5.48 -27.22 21.70
N ASN B 13 6.48 -27.79 22.35
CA ASN B 13 6.76 -27.53 23.78
C ASN B 13 7.87 -26.50 23.91
N LEU B 14 8.02 -25.92 25.08
CA LEU B 14 9.16 -25.09 25.40
C LEU B 14 10.23 -25.88 26.14
N ALA B 15 11.48 -25.55 25.87
CA ALA B 15 12.63 -26.21 26.45
C ALA B 15 12.68 -25.87 27.92
N ASN B 16 12.30 -24.65 28.29
CA ASN B 16 12.29 -24.23 29.68
C ASN B 16 10.99 -24.62 30.38
N THR B 17 11.06 -25.66 31.19
CA THR B 17 9.87 -26.25 31.81
C THR B 17 9.36 -25.45 33.02
N SER B 18 10.07 -24.41 33.45
CA SER B 18 9.49 -23.44 34.40
C SER B 18 8.48 -22.44 33.83
N ILE B 19 8.26 -22.43 32.54
CA ILE B 19 7.35 -21.45 31.93
C ILE B 19 5.99 -22.09 31.82
N THR B 20 5.05 -21.61 32.62
CA THR B 20 3.79 -22.31 32.79
C THR B 20 2.59 -21.46 32.61
N CYS B 21 1.50 -22.14 32.30
CA CYS B 21 0.15 -21.62 32.37
C CYS B 21 -0.24 -21.33 33.79
N ASN B 22 -1.46 -20.81 33.97
CA ASN B 22 -1.87 -20.41 35.33
C ASN B 22 -1.81 -21.53 36.39
N ASP B 23 -2.24 -22.72 36.00
CA ASP B 23 -2.28 -23.88 36.91
C ASP B 23 -0.95 -24.59 37.11
N GLY B 24 0.10 -24.16 36.44
CA GLY B 24 1.41 -24.76 36.51
C GLY B 24 1.63 -25.77 35.40
N SER B 25 0.66 -26.01 34.52
CA SER B 25 0.89 -26.88 33.35
C SER B 25 1.84 -26.16 32.40
N HIS B 26 2.58 -26.89 31.59
CA HIS B 26 3.60 -26.24 30.74
C HIS B 26 2.98 -25.46 29.57
N ALA B 27 3.57 -24.31 29.26
CA ALA B 27 3.11 -23.48 28.17
C ALA B 27 3.66 -24.07 26.89
N GLY B 28 3.44 -23.39 25.78
CA GLY B 28 3.96 -23.85 24.48
C GLY B 28 3.35 -23.04 23.33
N PHE B 29 3.41 -23.57 22.14
CA PHE B 29 2.91 -22.85 20.97
C PHE B 29 2.57 -23.82 19.89
N TYR B 30 2.01 -23.30 18.79
CA TYR B 30 1.82 -24.11 17.60
C TYR B 30 2.56 -23.49 16.43
N LEU B 31 3.06 -24.33 15.53
CA LEU B 31 3.85 -23.88 14.39
C LEU B 31 3.47 -24.56 13.08
N ARG B 32 3.51 -23.79 12.01
CA ARG B 32 3.47 -24.30 10.65
C ARG B 32 4.60 -23.59 9.95
N LYS B 33 5.68 -24.35 9.80
CA LYS B 33 6.87 -23.89 9.14
C LYS B 33 6.68 -23.93 7.65
N HIS B 34 7.08 -22.87 6.96
CA HIS B 34 7.04 -22.81 5.52
C HIS B 34 8.45 -23.17 5.00
N PRO B 35 8.54 -23.91 3.87
CA PRO B 35 9.88 -24.43 3.52
C PRO B 35 10.87 -23.35 3.14
N SER B 36 10.36 -22.28 2.57
CA SER B 36 11.17 -21.22 1.98
C SER B 36 11.15 -19.82 2.67
N SER B 37 10.02 -19.45 3.26
CA SER B 37 9.80 -18.07 3.68
C SER B 37 10.76 -17.62 4.76
N LYS B 38 11.14 -16.35 4.76
CA LYS B 38 11.88 -15.79 5.90
C LYS B 38 10.97 -14.86 6.70
N LYS B 39 9.67 -14.98 6.48
CA LYS B 39 8.68 -14.08 7.16
C LYS B 39 7.91 -14.90 8.15
N TRP B 40 7.56 -14.28 9.29
CA TRP B 40 6.94 -14.99 10.38
C TRP B 40 5.77 -14.17 10.85
N ILE B 41 4.61 -14.80 10.99
CA ILE B 41 3.47 -14.21 11.68
C ILE B 41 3.32 -14.97 13.00
N VAL B 42 3.36 -14.23 14.10
CA VAL B 42 3.20 -14.78 15.42
C VAL B 42 1.94 -14.16 16.06
N LEU B 43 0.94 -14.97 16.28
CA LEU B 43 -0.37 -14.53 16.73
C LEU B 43 -0.56 -14.92 18.18
N LEU B 44 -0.87 -13.92 19.01
CA LEU B 44 -1.23 -14.06 20.40
C LEU B 44 -2.77 -14.14 20.53
N GLU B 45 -3.31 -15.20 21.06
CA GLU B 45 -4.75 -15.33 21.31
CA GLU B 45 -4.77 -15.27 21.23
C GLU B 45 -5.16 -14.48 22.48
N GLY B 46 -6.45 -14.11 22.58
CA GLY B 46 -6.93 -13.33 23.70
C GLY B 46 -8.05 -14.04 24.38
N GLY B 47 -8.84 -13.31 25.15
CA GLY B 47 -9.86 -13.94 25.95
C GLY B 47 -10.01 -13.43 27.40
N TRP B 48 -9.96 -12.11 27.54
CA TRP B 48 -10.12 -11.39 28.77
C TRP B 48 -8.95 -11.72 29.77
N HIS B 49 -9.22 -11.71 31.06
CA HIS B 49 -8.16 -11.86 32.07
C HIS B 49 -8.89 -12.03 33.38
N CYS B 50 -8.14 -12.27 34.44
CA CYS B 50 -8.67 -12.28 35.79
C CYS B 50 -7.69 -11.52 36.69
N PHE B 51 -8.23 -10.83 37.68
CA PHE B 51 -7.49 -9.80 38.39
C PHE B 51 -7.53 -9.94 39.91
N ASP B 52 -8.34 -10.85 40.44
CA ASP B 52 -8.34 -11.17 41.86
C ASP B 52 -8.74 -12.64 42.10
N VAL B 53 -8.76 -13.04 43.38
CA VAL B 53 -9.11 -14.39 43.76
C VAL B 53 -10.46 -14.79 43.23
N ARG B 54 -11.44 -13.94 43.42
CA ARG B 54 -12.79 -14.28 43.01
C ARG B 54 -12.95 -14.45 41.47
N SER B 55 -12.47 -13.49 40.71
CA SER B 55 -12.51 -13.59 39.25
C SER B 55 -11.70 -14.76 38.69
N CYS B 56 -10.55 -15.04 39.27
CA CYS B 56 -9.75 -16.20 38.85
C CYS B 56 -10.46 -17.54 39.15
N ARG B 57 -11.15 -17.62 40.28
CA ARG B 57 -11.91 -18.79 40.65
C ARG B 57 -13.05 -18.98 39.64
N SER B 58 -13.74 -17.88 39.32
CA SER B 58 -14.84 -17.98 38.39
C SER B 58 -14.34 -18.42 37.00
N ARG B 59 -13.22 -17.85 36.59
CA ARG B 59 -12.61 -18.21 35.31
C ARG B 59 -12.22 -19.68 35.24
N TRP B 60 -11.63 -20.20 36.31
CA TRP B 60 -11.27 -21.61 36.39
C TRP B 60 -12.49 -22.51 36.16
N MET B 61 -13.64 -22.15 36.71
CA MET B 61 -14.87 -22.91 36.60
C MET B 61 -15.56 -22.68 35.25
N ARG B 62 -15.50 -21.50 34.65
CA ARG B 62 -16.27 -21.22 33.46
C ARG B 62 -15.48 -21.22 32.16
N LEU B 63 -14.16 -21.03 32.25
CA LEU B 63 -13.29 -20.96 31.11
C LEU B 63 -11.97 -21.64 31.38
N ARG B 64 -12.04 -22.89 31.80
CA ARG B 64 -10.88 -23.58 32.31
C ARG B 64 -9.78 -23.67 31.28
N HIS B 65 -10.15 -23.83 30.03
CA HIS B 65 -9.15 -23.97 28.95
C HIS B 65 -8.25 -22.78 28.75
N LEU B 66 -8.62 -21.62 29.27
CA LEU B 66 -7.78 -20.43 29.25
C LEU B 66 -6.80 -20.30 30.44
N MET B 67 -6.73 -21.32 31.30
CA MET B 67 -5.86 -21.30 32.49
C MET B 67 -4.92 -22.51 32.60
N THR B 68 -4.87 -23.32 31.53
CA THR B 68 -4.21 -24.58 31.54
C THR B 68 -3.87 -24.99 30.13
N SER B 69 -2.85 -25.82 29.99
CA SER B 69 -2.58 -26.44 28.71
C SER B 69 -3.05 -27.91 28.64
N SER B 70 -3.71 -28.36 29.70
CA SER B 70 -4.11 -29.74 29.82
C SER B 70 -5.20 -30.12 28.81
N GLN B 71 -5.87 -29.14 28.20
CA GLN B 71 -6.89 -29.44 27.20
C GLN B 71 -6.43 -29.01 25.83
N TRP B 72 -5.17 -28.66 25.65
CA TRP B 72 -4.73 -28.28 24.31
C TRP B 72 -4.71 -29.49 23.37
N PRO B 73 -5.18 -29.29 22.14
CA PRO B 73 -5.15 -30.37 21.14
C PRO B 73 -3.80 -30.44 20.50
N GLU B 74 -3.56 -31.46 19.70
CA GLU B 74 -2.28 -31.63 19.11
C GLU B 74 -2.05 -30.73 17.89
N THR B 75 -3.14 -30.28 17.29
CA THR B 75 -3.06 -29.34 16.19
C THR B 75 -4.15 -28.31 16.33
N ARG B 76 -3.96 -27.17 15.67
CA ARG B 76 -4.95 -26.09 15.63
C ARG B 76 -5.13 -25.59 14.17
N ASP B 77 -6.30 -25.13 13.85
CA ASP B 77 -6.54 -24.48 12.55
C ASP B 77 -7.03 -23.09 12.89
N VAL B 78 -6.35 -22.10 12.35
CA VAL B 78 -6.70 -20.70 12.57
C VAL B 78 -6.78 -20.01 11.21
N GLY B 79 -7.84 -19.27 11.05
CA GLY B 79 -8.07 -18.55 9.80
C GLY B 79 -7.45 -17.16 9.79
N GLY B 80 -7.91 -16.37 8.83
CA GLY B 80 -7.46 -15.00 8.68
C GLY B 80 -5.98 -14.97 8.38
N ILE B 81 -5.22 -14.22 9.15
CA ILE B 81 -3.80 -13.97 8.81
C ILE B 81 -2.90 -15.22 9.05
N LEU B 82 -3.40 -16.22 9.76
CA LEU B 82 -2.72 -17.52 9.83
C LEU B 82 -3.28 -18.58 8.88
N SER B 83 -4.14 -18.23 7.94
CA SER B 83 -4.61 -19.25 6.99
C SER B 83 -3.52 -19.48 5.94
N PRO B 84 -3.30 -20.75 5.55
CA PRO B 84 -2.39 -21.01 4.44
C PRO B 84 -3.05 -20.90 3.07
N HIS B 85 -4.31 -20.49 2.99
CA HIS B 85 -5.00 -20.38 1.69
C HIS B 85 -4.96 -18.95 1.14
N PRO B 86 -4.40 -18.73 -0.08
CA PRO B 86 -4.31 -17.41 -0.74
C PRO B 86 -5.60 -16.61 -0.77
N GLU B 87 -6.72 -17.26 -1.07
CA GLU B 87 -7.99 -16.55 -1.10
C GLU B 87 -8.36 -15.99 0.23
N GLU B 88 -7.99 -16.67 1.30
CA GLU B 88 -8.37 -16.18 2.62
C GLU B 88 -7.31 -15.21 3.21
N ASN B 89 -6.07 -15.31 2.71
CA ASN B 89 -4.90 -14.64 3.29
C ASN B 89 -4.00 -14.27 2.15
N PRO B 90 -4.39 -13.20 1.43
CA PRO B 90 -3.75 -12.94 0.15
C PRO B 90 -2.30 -12.62 0.26
N TYR B 91 -1.84 -12.09 1.38
CA TYR B 91 -0.45 -11.66 1.41
C TYR B 91 0.44 -12.41 2.38
N TRP B 92 -0.10 -13.20 3.29
CA TRP B 92 0.72 -13.89 4.27
C TRP B 92 0.47 -15.39 4.29
N HIS B 93 -0.24 -15.91 3.29
CA HIS B 93 -0.53 -17.34 3.22
C HIS B 93 0.74 -18.17 3.16
N ASN B 94 1.78 -17.61 2.58
CA ASN B 94 3.06 -18.33 2.42
C ASN B 94 4.14 -17.89 3.39
N ALA B 95 3.77 -17.34 4.55
CA ALA B 95 4.74 -17.09 5.61
C ALA B 95 4.83 -18.26 6.60
N ASN B 96 5.85 -18.27 7.45
CA ASN B 96 5.86 -19.14 8.61
C ASN B 96 4.77 -18.63 9.55
N HIS B 97 4.01 -19.54 10.15
CA HIS B 97 2.92 -19.15 11.06
C HIS B 97 3.10 -19.77 12.43
N VAL B 98 2.88 -18.95 13.45
CA VAL B 98 2.98 -19.38 14.83
C VAL B 98 1.74 -18.89 15.59
N LEU B 99 1.14 -19.78 16.39
CA LEU B 99 0.02 -19.41 17.27
C LEU B 99 0.47 -19.64 18.72
N ILE B 100 0.29 -18.64 19.58
CA ILE B 100 0.59 -18.83 20.98
C ILE B 100 -0.74 -18.77 21.72
N PRO B 101 -1.20 -19.90 22.25
CA PRO B 101 -2.43 -19.95 23.02
C PRO B 101 -2.33 -19.13 24.29
N TYR B 102 -3.47 -18.65 24.78
CA TYR B 102 -3.46 -17.74 25.88
C TYR B 102 -3.87 -18.58 27.11
N CYS B 103 -2.96 -18.73 28.04
CA CYS B 103 -3.24 -19.57 29.22
C CYS B 103 -2.76 -18.95 30.51
N SER B 104 -2.54 -17.63 30.50
CA SER B 104 -1.93 -16.87 31.64
C SER B 104 -2.82 -15.78 32.20
N SER B 105 -3.96 -15.52 31.53
CA SER B 105 -5.01 -14.63 32.07
C SER B 105 -4.52 -13.24 32.57
N ASP B 106 -3.41 -12.75 32.02
CA ASP B 106 -2.72 -11.56 32.50
C ASP B 106 -2.40 -10.54 31.38
N SER B 107 -3.12 -10.64 30.26
CA SER B 107 -2.87 -9.80 29.07
C SER B 107 -1.47 -9.88 28.58
N TRP B 108 -0.85 -11.05 28.72
CA TRP B 108 0.50 -11.25 28.25
C TRP B 108 1.57 -10.41 28.99
N SER B 109 1.28 -10.00 30.23
CA SER B 109 2.15 -9.03 30.91
C SER B 109 2.77 -9.64 32.18
N GLY B 110 2.34 -10.83 32.57
CA GLY B 110 2.73 -11.37 33.89
C GLY B 110 4.14 -11.91 33.97
N THR B 111 4.74 -11.72 35.13
CA THR B 111 6.02 -12.29 35.40
C THR B 111 6.02 -13.05 36.75
N ARG B 112 4.85 -13.33 37.31
CA ARG B 112 4.76 -13.96 38.62
C ARG B 112 4.97 -15.45 38.44
N THR B 113 6.19 -15.86 38.79
CA THR B 113 6.69 -17.17 38.52
C THR B 113 6.30 -18.04 39.68
N GLU B 114 6.15 -17.45 40.86
CA GLU B 114 5.75 -18.22 42.01
C GLU B 114 4.54 -17.63 42.73
N PRO B 115 3.51 -18.48 42.96
CA PRO B 115 2.26 -18.12 43.66
C PRO B 115 2.51 -17.22 44.89
N ASP B 116 1.67 -16.19 45.08
CA ASP B 116 1.79 -15.26 46.20
C ASP B 116 1.66 -16.05 47.49
N THR B 117 2.80 -16.40 48.07
CA THR B 117 2.88 -17.36 49.19
C THR B 117 1.91 -17.07 50.33
N SER B 118 1.49 -15.82 50.46
CA SER B 118 0.55 -15.40 51.49
C SER B 118 -0.81 -16.14 51.57
N ASP B 119 -1.19 -16.89 50.52
CA ASP B 119 -2.48 -17.65 50.51
C ASP B 119 -2.34 -18.94 49.66
N ARG B 120 -2.55 -20.11 50.29
CA ARG B 120 -2.29 -21.45 49.67
C ARG B 120 -3.40 -21.97 48.74
N GLU B 121 -4.60 -21.41 48.86
CA GLU B 121 -5.64 -21.58 47.83
C GLU B 121 -5.47 -20.64 46.57
N ASN B 122 -4.59 -19.64 46.64
CA ASN B 122 -4.19 -18.85 45.44
C ASN B 122 -2.89 -19.45 44.93
N SER B 123 -3.04 -20.35 44.00
CA SER B 123 -1.91 -21.12 43.55
C SER B 123 -1.36 -20.55 42.25
N TRP B 124 -1.91 -19.45 41.75
CA TRP B 124 -1.75 -19.18 40.29
C TRP B 124 -0.38 -18.58 39.95
N ARG B 125 0.18 -19.02 38.82
CA ARG B 125 1.32 -18.39 38.20
C ARG B 125 0.81 -17.52 37.00
N PHE B 126 1.39 -16.35 36.81
CA PHE B 126 0.97 -15.43 35.73
C PHE B 126 2.24 -15.09 34.96
N MET B 127 2.47 -15.81 33.88
CA MET B 127 3.76 -15.77 33.19
C MET B 127 3.70 -15.31 31.74
N GLY B 128 2.63 -14.62 31.42
CA GLY B 128 2.40 -14.20 30.00
C GLY B 128 3.54 -13.49 29.32
N ALA B 129 4.19 -12.54 30.00
CA ALA B 129 5.31 -11.85 29.37
C ALA B 129 6.49 -12.81 29.15
N LEU B 130 6.63 -13.78 30.05
CA LEU B 130 7.73 -14.74 30.03
C LEU B 130 7.48 -15.83 28.99
N ILE B 131 6.22 -16.19 28.82
CA ILE B 131 5.81 -17.15 27.78
C ILE B 131 6.13 -16.61 26.39
N LEU B 132 5.74 -15.36 26.13
CA LEU B 132 5.99 -14.73 24.82
C LEU B 132 7.51 -14.64 24.54
N ARG B 133 8.23 -14.19 25.54
CA ARG B 133 9.70 -14.08 25.37
C ARG B 133 10.34 -15.43 25.06
N GLN B 134 9.90 -16.49 25.74
CA GLN B 134 10.45 -17.82 25.53
C GLN B 134 10.08 -18.39 24.16
N VAL B 135 8.85 -18.18 23.72
CA VAL B 135 8.45 -18.67 22.41
C VAL B 135 9.34 -18.04 21.36
N ILE B 136 9.54 -16.72 21.50
CA ILE B 136 10.34 -16.01 20.53
C ILE B 136 11.78 -16.57 20.52
N ALA B 137 12.36 -16.71 21.72
CA ALA B 137 13.69 -17.28 21.85
C ALA B 137 13.79 -18.68 21.22
N GLU B 138 12.74 -19.48 21.38
CA GLU B 138 12.76 -20.81 20.84
C GLU B 138 12.47 -20.86 19.35
N LEU B 139 11.97 -19.78 18.74
CA LEU B 139 11.85 -19.79 17.28
C LEU B 139 13.23 -19.57 16.58
N ILE B 140 14.18 -19.02 17.30
CA ILE B 140 15.47 -18.71 16.69
C ILE B 140 16.16 -19.95 16.12
N PRO B 141 16.31 -21.04 16.91
CA PRO B 141 16.87 -22.27 16.35
C PRO B 141 16.03 -22.94 15.27
N VAL B 142 14.73 -22.61 15.22
CA VAL B 142 13.81 -23.11 14.23
C VAL B 142 13.89 -22.26 12.94
N GLY B 143 14.56 -21.11 12.97
CA GLY B 143 14.77 -20.31 11.75
C GLY B 143 14.43 -18.82 11.82
N LEU B 144 13.88 -18.33 12.92
CA LEU B 144 13.51 -16.93 13.02
C LEU B 144 14.74 -16.07 12.95
N GLY B 145 14.80 -15.26 11.90
CA GLY B 145 15.91 -14.36 11.72
C GLY B 145 17.20 -15.01 11.30
N ARG B 146 17.17 -16.29 10.90
CA ARG B 146 18.36 -17.05 10.48
CA ARG B 146 18.40 -16.98 10.52
C ARG B 146 18.94 -16.47 9.18
N VAL B 147 18.08 -16.26 8.21
CA VAL B 147 18.54 -15.68 6.97
C VAL B 147 18.38 -14.15 7.11
N PRO B 148 19.44 -13.38 6.85
CA PRO B 148 19.22 -11.91 6.89
C PRO B 148 18.13 -11.43 5.92
N GLY B 149 17.43 -10.37 6.26
CA GLY B 149 16.39 -9.82 5.41
C GLY B 149 14.99 -10.30 5.75
N GLY B 150 14.84 -11.07 6.80
CA GLY B 150 13.52 -11.60 7.16
C GLY B 150 12.69 -10.62 7.97
N GLU B 151 11.50 -11.05 8.38
CA GLU B 151 10.54 -10.20 9.03
C GLU B 151 9.76 -10.97 10.08
N LEU B 152 9.35 -10.26 11.13
CA LEU B 152 8.41 -10.76 12.14
C LEU B 152 7.27 -9.76 12.26
N MET B 153 6.05 -10.27 12.13
CA MET B 153 4.85 -9.53 12.46
C MET B 153 4.23 -10.19 13.70
N LEU B 154 4.27 -9.50 14.82
CA LEU B 154 3.72 -9.95 16.09
C LEU B 154 2.32 -9.36 16.14
N VAL B 155 1.31 -10.20 16.13
CA VAL B 155 -0.06 -9.74 16.03
C VAL B 155 -0.86 -10.34 17.15
N GLY B 156 -2.00 -9.71 17.45
CA GLY B 156 -2.73 -10.11 18.66
C GLY B 156 -4.12 -9.59 18.62
N SER B 157 -5.07 -10.35 19.13
CA SER B 157 -6.45 -9.91 19.20
C SER B 157 -6.88 -9.82 20.70
N SER B 158 -7.64 -8.76 21.01
CA SER B 158 -8.24 -8.58 22.31
C SER B 158 -7.12 -8.46 23.34
N ALA B 159 -7.09 -9.31 24.38
CA ALA B 159 -5.97 -9.22 25.32
C ALA B 159 -4.64 -9.45 24.58
N GLY B 160 -4.66 -10.19 23.50
CA GLY B 160 -3.44 -10.34 22.70
C GLY B 160 -2.97 -9.06 22.01
N GLY B 161 -3.92 -8.19 21.65
CA GLY B 161 -3.57 -6.89 21.06
C GLY B 161 -2.86 -6.04 22.08
N MET B 162 -3.37 -6.03 23.31
CA MET B 162 -2.66 -5.43 24.41
C MET B 162 -1.32 -6.07 24.62
N GLY B 163 -1.26 -7.43 24.52
CA GLY B 163 -0.01 -8.12 24.69
C GLY B 163 1.04 -7.69 23.70
N VAL B 164 0.60 -7.50 22.47
CA VAL B 164 1.54 -6.99 21.49
C VAL B 164 2.07 -5.59 21.88
N MET B 165 1.18 -4.67 22.22
CA MET B 165 1.60 -3.32 22.51
C MET B 165 2.56 -3.27 23.70
N LEU B 166 2.28 -4.06 24.71
CA LEU B 166 3.14 -4.14 25.91
C LEU B 166 4.52 -4.67 25.66
N ASN B 167 4.62 -5.62 24.74
CA ASN B 167 5.85 -6.33 24.60
C ASN B 167 6.67 -6.02 23.35
N LEU B 168 6.12 -5.21 22.46
CA LEU B 168 6.67 -5.11 21.09
C LEU B 168 8.09 -4.54 21.04
N ASP B 169 8.31 -3.43 21.73
CA ASP B 169 9.64 -2.80 21.76
C ASP B 169 10.67 -3.73 22.42
N ARG B 170 10.26 -4.42 23.47
CA ARG B 170 11.12 -5.45 24.14
C ARG B 170 11.54 -6.56 23.21
N ILE B 171 10.55 -7.10 22.48
CA ILE B 171 10.85 -8.18 21.58
C ILE B 171 11.72 -7.69 20.44
N ARG B 172 11.44 -6.49 19.91
CA ARG B 172 12.26 -5.93 18.82
CA ARG B 172 12.26 -5.92 18.83
C ARG B 172 13.70 -5.75 19.32
N ASP B 173 13.84 -5.18 20.48
CA ASP B 173 15.17 -5.02 21.06
C ASP B 173 15.94 -6.36 21.25
N PHE B 174 15.26 -7.37 21.77
CA PHE B 174 15.83 -8.69 21.91
C PHE B 174 16.38 -9.22 20.56
N LEU B 175 15.57 -9.15 19.51
CA LEU B 175 15.99 -9.77 18.26
C LEU B 175 17.07 -8.98 17.56
N VAL B 176 16.92 -7.66 17.51
CA VAL B 176 17.74 -6.81 16.66
C VAL B 176 19.02 -6.44 17.44
N ASN B 177 18.88 -5.98 18.66
CA ASN B 177 20.04 -5.58 19.48
C ASN B 177 20.73 -6.71 20.23
N GLU B 178 20.00 -7.45 21.06
CA GLU B 178 20.62 -8.57 21.80
C GLU B 178 21.16 -9.68 20.89
N LYS B 179 20.33 -10.18 19.98
CA LYS B 179 20.73 -11.27 19.09
C LYS B 179 21.35 -10.86 17.75
N LYS B 180 21.34 -9.57 17.41
CA LYS B 180 21.98 -9.06 16.17
C LYS B 180 21.42 -9.72 14.92
N LEU B 181 20.11 -9.96 14.89
CA LEU B 181 19.52 -10.52 13.69
C LEU B 181 19.16 -9.38 12.79
N GLN B 182 19.32 -9.60 11.50
CA GLN B 182 19.04 -8.60 10.51
C GLN B 182 17.58 -8.84 10.16
N ILE B 183 16.68 -8.33 11.00
CA ILE B 183 15.24 -8.64 10.85
C ILE B 183 14.39 -7.43 11.14
N THR B 184 13.29 -7.29 10.40
CA THR B 184 12.40 -6.15 10.56
C THR B 184 11.21 -6.63 11.40
N VAL B 185 10.88 -5.89 12.46
CA VAL B 185 9.86 -6.31 13.40
C VAL B 185 8.75 -5.30 13.34
N ARG B 186 7.48 -5.76 13.34
CA ARG B 186 6.36 -4.88 13.39
C ARG B 186 5.27 -5.54 14.23
N GLY B 187 4.35 -4.72 14.72
CA GLY B 187 3.23 -5.21 15.53
C GLY B 187 1.86 -4.81 14.99
N VAL B 188 0.89 -5.63 15.31
CA VAL B 188 -0.50 -5.40 15.02
C VAL B 188 -1.39 -5.65 16.23
N SER B 189 -2.18 -4.64 16.62
CA SER B 189 -3.15 -4.80 17.70
C SER B 189 -4.54 -4.75 17.12
N ASP B 190 -5.23 -5.90 17.20
CA ASP B 190 -6.61 -6.08 16.79
C ASP B 190 -7.51 -6.06 18.06
N SER B 191 -8.40 -5.08 18.16
CA SER B 191 -9.39 -5.01 19.23
C SER B 191 -8.75 -4.95 20.61
N GLY B 192 -7.58 -4.31 20.69
CA GLY B 192 -6.87 -4.16 21.95
C GLY B 192 -6.80 -2.77 22.53
N TRP B 193 -7.55 -1.83 21.97
CA TRP B 193 -7.42 -0.42 22.24
C TRP B 193 -8.65 -0.01 23.07
N PHE B 194 -8.47 0.00 24.37
CA PHE B 194 -9.54 0.19 25.36
C PHE B 194 -9.43 1.53 26.02
N LEU B 195 -10.58 2.03 26.48
CA LEU B 195 -10.67 3.35 27.09
C LEU B 195 -11.21 3.19 28.50
N ASP B 196 -10.70 4.01 29.39
CA ASP B 196 -11.29 4.10 30.75
C ASP B 196 -12.24 5.28 30.74
N ARG B 197 -13.53 5.02 30.75
CA ARG B 197 -14.49 6.10 30.64
C ARG B 197 -15.61 5.80 31.60
N GLU B 198 -16.45 6.79 31.84
CA GLU B 198 -17.57 6.59 32.75
C GLU B 198 -18.54 5.59 32.11
N PRO B 199 -18.91 4.55 32.87
CA PRO B 199 -19.79 3.52 32.34
C PRO B 199 -21.22 4.01 32.23
N TYR B 200 -22.03 3.27 31.49
CA TYR B 200 -23.43 3.65 31.23
C TYR B 200 -24.17 3.66 32.57
N THR B 201 -23.89 2.63 33.37
CA THR B 201 -24.30 2.62 34.78
C THR B 201 -23.12 2.07 35.63
N PRO B 202 -23.05 2.45 36.93
CA PRO B 202 -21.84 2.09 37.71
C PRO B 202 -21.65 0.58 37.80
N ALA B 203 -20.39 0.12 37.73
CA ALA B 203 -20.11 -1.32 37.79
C ALA B 203 -19.78 -1.68 39.25
N ALA B 204 -19.97 -2.96 39.59
CA ALA B 204 -19.60 -3.49 40.91
C ALA B 204 -18.12 -3.15 41.17
N VAL B 205 -17.25 -3.53 40.25
CA VAL B 205 -15.84 -3.12 40.29
C VAL B 205 -15.56 -2.05 39.21
N ALA B 206 -14.87 -0.98 39.61
CA ALA B 206 -14.50 0.11 38.72
C ALA B 206 -13.23 -0.25 37.94
N SER B 207 -13.15 0.18 36.69
CA SER B 207 -12.12 -0.29 35.74
C SER B 207 -10.72 -0.09 36.25
N ASN B 208 -10.41 1.13 36.65
CA ASN B 208 -9.04 1.42 37.01
C ASN B 208 -8.66 0.68 38.28
N GLU B 209 -9.67 0.29 39.06
CA GLU B 209 -9.43 -0.54 40.22
C GLU B 209 -9.01 -1.97 39.84
N ALA B 210 -9.79 -2.61 38.97
CA ALA B 210 -9.45 -3.93 38.45
C ALA B 210 -8.05 -3.94 37.81
N VAL B 211 -7.75 -2.88 37.06
CA VAL B 211 -6.51 -2.80 36.31
C VAL B 211 -5.35 -2.74 37.29
N ARG B 212 -5.47 -1.89 38.30
CA ARG B 212 -4.41 -1.81 39.29
C ARG B 212 -4.23 -3.13 40.03
N GLN B 213 -5.33 -3.76 40.38
CA GLN B 213 -5.27 -5.06 41.06
C GLN B 213 -4.60 -6.13 40.22
N GLY B 214 -4.98 -6.18 38.94
CA GLY B 214 -4.35 -7.17 38.02
C GLY B 214 -2.85 -6.92 37.92
N TRP B 215 -2.45 -5.67 37.75
CA TRP B 215 -1.03 -5.32 37.64
C TRP B 215 -0.23 -5.89 38.79
N LYS B 216 -0.75 -5.70 39.99
CA LYS B 216 -0.09 -6.21 41.21
C LYS B 216 -0.09 -7.72 41.27
N LEU B 217 -1.23 -8.31 40.99
CA LEU B 217 -1.34 -9.75 41.08
C LEU B 217 -0.46 -10.44 40.06
N TRP B 218 -0.44 -9.91 38.85
CA TRP B 218 0.37 -10.51 37.79
C TRP B 218 1.84 -10.21 37.83
N GLN B 219 2.22 -9.23 38.66
CA GLN B 219 3.52 -8.57 38.60
C GLN B 219 3.79 -8.15 37.17
N GLY B 220 2.87 -7.33 36.66
CA GLY B 220 2.88 -6.93 35.27
C GLY B 220 4.13 -6.22 34.86
N LEU B 221 4.67 -6.64 33.73
CA LEU B 221 5.87 -6.03 33.19
C LEU B 221 5.45 -5.01 32.12
N LEU B 222 5.69 -3.73 32.40
CA LEU B 222 5.23 -2.64 31.54
C LEU B 222 6.39 -1.98 30.82
N PRO B 223 6.16 -1.29 29.67
CA PRO B 223 7.36 -0.69 29.03
C PRO B 223 7.85 0.55 29.80
N GLU B 224 9.16 0.65 29.95
CA GLU B 224 9.74 1.70 30.79
C GLU B 224 9.44 3.12 30.33
N GLU B 225 9.48 3.35 29.02
CA GLU B 225 9.33 4.70 28.50
C GLU B 225 7.93 5.22 28.77
N CYS B 226 6.95 4.34 28.89
CA CYS B 226 5.61 4.77 29.28
C CYS B 226 5.52 4.99 30.80
N THR B 227 6.12 4.13 31.60
CA THR B 227 5.86 4.17 33.05
C THR B 227 6.53 5.40 33.67
N LYS B 228 7.61 5.86 33.06
CA LYS B 228 8.22 7.16 33.41
C LYS B 228 7.20 8.27 33.51
N SER B 229 6.29 8.32 32.53
CA SER B 229 5.25 9.36 32.52
C SER B 229 4.18 9.14 33.57
N TYR B 230 4.13 7.96 34.17
CA TYR B 230 3.11 7.66 35.19
C TYR B 230 3.70 6.94 36.40
N PRO B 231 4.72 7.54 37.04
CA PRO B 231 5.49 6.82 38.06
C PRO B 231 4.65 6.49 39.29
N THR B 232 3.65 7.29 39.56
CA THR B 232 2.70 7.02 40.63
C THR B 232 1.70 5.92 40.28
N GLU B 233 1.34 5.78 38.99
CA GLU B 233 0.29 4.85 38.56
C GLU B 233 0.73 4.14 37.26
N PRO B 234 1.75 3.29 37.33
CA PRO B 234 2.32 2.75 36.09
C PRO B 234 1.32 1.89 35.32
N TRP B 235 0.36 1.33 36.02
CA TRP B 235 -0.70 0.54 35.42
C TRP B 235 -1.51 1.31 34.37
N ARG B 236 -1.34 2.62 34.31
CA ARG B 236 -1.94 3.43 33.25
C ARG B 236 -1.46 2.97 31.89
N CYS B 237 -0.30 2.35 31.86
CA CYS B 237 0.27 1.89 30.61
C CYS B 237 -0.41 0.63 30.01
N TYR B 238 -1.45 0.10 30.66
CA TYR B 238 -2.24 -0.99 30.10
C TYR B 238 -3.19 -0.46 29.00
N TYR B 239 -3.35 0.86 28.94
CA TYR B 239 -4.22 1.44 27.96
C TYR B 239 -3.40 1.82 26.73
N GLY B 240 -3.86 1.36 25.56
CA GLY B 240 -3.18 1.65 24.31
C GLY B 240 -2.89 3.12 24.05
N TYR B 241 -3.90 3.98 24.27
CA TYR B 241 -3.72 5.40 24.00
C TYR B 241 -2.66 6.05 24.90
N ARG B 242 -2.36 5.44 26.03
CA ARG B 242 -1.34 5.96 26.92
C ARG B 242 0.05 5.42 26.56
N LEU B 243 0.10 4.20 26.08
CA LEU B 243 1.36 3.58 25.71
C LEU B 243 1.86 4.02 24.31
N TYR B 244 0.93 4.26 23.40
CA TYR B 244 1.28 4.59 22.00
C TYR B 244 2.36 5.69 21.80
N PRO B 245 2.22 6.85 22.48
CA PRO B 245 3.17 7.94 22.25
C PRO B 245 4.65 7.57 22.37
N THR B 246 4.99 6.60 23.21
CA THR B 246 6.40 6.27 23.41
C THR B 246 6.79 4.97 22.74
N LEU B 247 5.89 4.44 21.92
CA LEU B 247 6.18 3.22 21.24
C LEU B 247 7.09 3.49 20.05
N LYS B 248 8.26 2.87 19.99
CA LYS B 248 9.17 3.06 18.85
C LYS B 248 8.88 2.16 17.62
N THR B 249 8.47 0.93 17.82
CA THR B 249 8.24 -0.02 16.72
C THR B 249 6.93 0.25 15.99
N PRO B 250 6.91 0.08 14.64
CA PRO B 250 5.63 0.27 13.93
C PRO B 250 4.51 -0.62 14.48
N LEU B 251 3.36 -0.02 14.68
CA LEU B 251 2.21 -0.72 15.24
C LEU B 251 0.97 -0.34 14.39
N PHE B 252 0.29 -1.33 13.81
CA PHE B 252 -0.96 -1.09 13.10
C PHE B 252 -2.07 -1.35 14.09
N VAL B 253 -3.05 -0.46 14.14
CA VAL B 253 -4.18 -0.60 15.04
C VAL B 253 -5.43 -0.85 14.24
N PHE B 254 -6.04 -2.03 14.42
CA PHE B 254 -7.42 -2.30 13.99
C PHE B 254 -8.33 -2.18 15.20
N GLN B 255 -9.40 -1.42 15.05
CA GLN B 255 -10.37 -1.32 16.15
C GLN B 255 -11.75 -1.10 15.59
N TRP B 256 -12.66 -1.96 15.98
CA TRP B 256 -14.07 -1.70 15.65
C TRP B 256 -14.52 -0.51 16.46
N LEU B 257 -15.20 0.45 15.83
CA LEU B 257 -15.53 1.70 16.55
C LEU B 257 -16.64 1.44 17.58
N PHE B 258 -17.41 0.37 17.37
CA PHE B 258 -18.42 -0.10 18.37
C PHE B 258 -18.04 -1.46 18.92
N ASP B 259 -16.88 -1.47 19.56
CA ASP B 259 -16.29 -2.70 20.03
C ASP B 259 -17.12 -3.27 21.20
N GLU B 260 -17.43 -4.56 21.09
CA GLU B 260 -18.27 -5.27 22.08
C GLU B 260 -17.64 -5.46 23.44
N ALA B 261 -16.32 -5.56 23.49
CA ALA B 261 -15.63 -5.65 24.75
C ALA B 261 -15.68 -4.30 25.47
N GLN B 262 -15.51 -3.20 24.73
CA GLN B 262 -15.64 -1.90 25.31
C GLN B 262 -17.08 -1.77 25.86
N MET B 263 -18.07 -2.22 25.10
CA MET B 263 -19.46 -2.15 25.61
C MET B 263 -19.67 -2.96 26.89
N ARG B 264 -19.04 -4.14 26.97
CA ARG B 264 -19.03 -4.94 28.20
C ARG B 264 -18.39 -4.21 29.37
N VAL B 265 -17.19 -3.70 29.20
CA VAL B 265 -16.56 -2.90 30.26
C VAL B 265 -17.40 -1.69 30.65
N ASP B 266 -18.02 -1.06 29.65
CA ASP B 266 -18.81 0.15 29.94
C ASP B 266 -20.17 -0.22 30.54
N ASN B 267 -20.52 -1.49 30.63
CA ASN B 267 -21.72 -1.89 31.33
C ASN B 267 -23.01 -1.41 30.67
N VAL B 268 -23.04 -1.39 29.36
CA VAL B 268 -24.23 -0.91 28.65
C VAL B 268 -25.42 -1.87 28.69
N GLY B 269 -25.12 -3.17 28.75
CA GLY B 269 -26.10 -4.22 28.57
C GLY B 269 -26.41 -4.41 27.09
N ALA B 270 -27.09 -5.50 26.76
CA ALA B 270 -27.59 -5.68 25.41
C ALA B 270 -28.48 -4.46 25.08
N PRO B 271 -28.13 -3.71 24.03
CA PRO B 271 -28.87 -2.49 23.76
C PRO B 271 -30.28 -2.67 23.19
N VAL B 272 -31.29 -2.23 23.92
CA VAL B 272 -32.69 -2.36 23.48
C VAL B 272 -33.48 -1.06 23.69
N THR B 273 -32.79 0.01 24.06
CA THR B 273 -33.39 1.30 24.36
C THR B 273 -32.57 2.37 23.69
N PRO B 274 -33.22 3.47 23.32
CA PRO B 274 -32.51 4.59 22.69
C PRO B 274 -31.41 5.13 23.61
N GLN B 275 -31.62 5.12 24.92
CA GLN B 275 -30.58 5.58 25.87
C GLN B 275 -29.28 4.76 25.76
N GLN B 276 -29.42 3.44 25.72
CA GLN B 276 -28.27 2.57 25.50
C GLN B 276 -27.66 2.81 24.12
N TRP B 277 -28.50 2.87 23.09
CA TRP B 277 -27.97 3.12 21.73
C TRP B 277 -27.24 4.49 21.59
N ASN B 278 -27.73 5.50 22.30
CA ASN B 278 -27.08 6.86 22.28
C ASN B 278 -25.76 6.80 23.03
N TYR B 279 -25.70 6.00 24.08
CA TYR B 279 -24.43 5.77 24.77
C TYR B 279 -23.41 5.07 23.88
N ILE B 280 -23.86 4.05 23.16
CA ILE B 280 -23.02 3.35 22.19
C ILE B 280 -22.52 4.27 21.08
N HIS B 281 -23.40 5.11 20.56
CA HIS B 281 -23.03 6.07 19.53
C HIS B 281 -21.90 6.97 20.02
N GLU B 282 -22.06 7.51 21.21
CA GLU B 282 -20.98 8.35 21.80
C GLU B 282 -19.67 7.59 22.11
N MET B 283 -19.76 6.30 22.38
CA MET B 283 -18.58 5.47 22.69
C MET B 283 -17.74 5.36 21.42
N GLY B 284 -18.40 5.15 20.30
CA GLY B 284 -17.75 5.16 19.02
C GLY B 284 -17.04 6.46 18.75
N GLY B 285 -17.69 7.58 19.10
CA GLY B 285 -17.05 8.90 18.93
C GLY B 285 -15.80 9.05 19.80
N ALA B 286 -15.88 8.53 21.04
CA ALA B 286 -14.72 8.55 21.95
C ALA B 286 -13.54 7.68 21.46
N LEU B 287 -13.87 6.50 20.94
CA LEU B 287 -12.84 5.64 20.37
C LEU B 287 -12.19 6.33 19.21
N ARG B 288 -13.00 6.88 18.32
CA ARG B 288 -12.48 7.59 17.19
C ARG B 288 -11.49 8.66 17.60
N SER B 289 -11.91 9.42 18.59
CA SER B 289 -11.10 10.53 19.04
C SER B 289 -9.81 10.03 19.75
N SER B 290 -9.84 8.88 20.40
CA SER B 290 -8.67 8.38 21.10
C SER B 290 -7.60 7.91 20.12
N LEU B 291 -7.98 7.68 18.88
CA LEU B 291 -7.06 7.26 17.83
C LEU B 291 -6.44 8.42 17.03
N ASP B 292 -6.68 9.66 17.50
CA ASP B 292 -6.20 10.89 16.78
C ASP B 292 -4.76 10.87 16.32
N ASN B 293 -3.83 10.42 17.18
CA ASN B 293 -2.40 10.48 16.85
C ASN B 293 -1.80 9.19 16.26
N VAL B 294 -2.63 8.22 15.89
CA VAL B 294 -2.11 6.92 15.53
C VAL B 294 -1.82 6.97 14.06
N SER B 295 -0.61 6.60 13.69
CA SER B 295 -0.20 6.67 12.33
C SER B 295 -0.91 5.70 11.34
N ALA B 296 -1.12 4.46 11.76
CA ALA B 296 -1.68 3.43 10.89
C ALA B 296 -2.85 2.81 11.61
N VAL B 297 -4.03 3.12 11.12
CA VAL B 297 -5.26 2.69 11.80
C VAL B 297 -6.30 2.26 10.77
N PHE B 298 -7.06 1.24 11.14
CA PHE B 298 -8.25 0.76 10.37
C PHE B 298 -9.37 0.61 11.37
N ALA B 299 -10.36 1.49 11.27
CA ALA B 299 -11.37 1.59 12.28
C ALA B 299 -12.75 1.71 11.68
N PRO B 300 -13.41 0.55 11.46
CA PRO B 300 -14.71 0.58 10.78
C PRO B 300 -15.86 0.91 11.73
N SER B 301 -16.93 1.49 11.22
CA SER B 301 -18.14 1.75 12.06
C SER B 301 -19.06 0.57 12.16
N CYS B 302 -18.59 -0.44 12.90
CA CYS B 302 -19.30 -1.68 13.04
C CYS B 302 -19.20 -2.15 14.49
N ILE B 303 -20.20 -2.92 14.89
CA ILE B 303 -20.21 -3.66 16.14
C ILE B 303 -19.47 -4.94 15.91
N GLY B 304 -18.48 -5.23 16.73
CA GLY B 304 -17.75 -6.48 16.63
C GLY B 304 -16.64 -6.55 17.67
N HIS B 305 -15.89 -7.64 17.64
CA HIS B 305 -14.71 -7.79 18.52
C HIS B 305 -13.80 -8.85 17.95
N GLY B 306 -12.60 -8.46 17.54
CA GLY B 306 -11.71 -9.38 16.92
C GLY B 306 -11.89 -9.43 15.43
N VAL B 307 -10.78 -9.66 14.72
CA VAL B 307 -10.89 -9.76 13.29
C VAL B 307 -9.80 -10.61 12.64
N LEU B 308 -8.61 -10.62 13.20
CA LEU B 308 -7.44 -11.15 12.43
C LEU B 308 -7.45 -12.64 12.20
N PHE B 309 -8.19 -13.37 13.03
CA PHE B 309 -8.27 -14.83 12.95
C PHE B 309 -9.52 -15.25 12.16
N LYS B 310 -10.26 -14.29 11.58
CA LYS B 310 -11.51 -14.57 10.93
C LYS B 310 -11.39 -14.66 9.42
N ARG B 311 -12.02 -15.70 8.86
CA ARG B 311 -12.08 -15.90 7.40
C ARG B 311 -12.59 -14.61 6.71
N ASP B 312 -13.57 -13.96 7.31
CA ASP B 312 -14.17 -12.78 6.70
C ASP B 312 -13.35 -11.48 6.85
N TRP B 313 -12.13 -11.56 7.39
CA TRP B 313 -11.32 -10.35 7.47
C TRP B 313 -11.05 -9.74 6.11
N VAL B 314 -11.12 -10.53 5.05
CA VAL B 314 -10.89 -10.05 3.70
C VAL B 314 -12.04 -9.17 3.18
N ASN B 315 -13.18 -9.20 3.86
CA ASN B 315 -14.40 -8.57 3.38
C ASN B 315 -14.64 -7.20 3.98
N ILE B 316 -14.01 -6.89 5.11
CA ILE B 316 -14.21 -5.54 5.70
C ILE B 316 -13.36 -4.50 4.95
N LYS B 317 -14.06 -3.45 4.53
CA LYS B 317 -13.51 -2.39 3.75
C LYS B 317 -13.90 -1.03 4.28
N ILE B 318 -12.94 -0.12 4.17
CA ILE B 318 -13.23 1.28 4.41
C ILE B 318 -12.76 2.01 3.17
N ASP B 319 -13.59 2.91 2.63
CA ASP B 319 -13.25 3.60 1.37
C ASP B 319 -12.83 2.56 0.29
N ASP B 320 -13.51 1.42 0.25
CA ASP B 320 -13.23 0.33 -0.67
C ASP B 320 -11.82 -0.24 -0.52
N ILE B 321 -11.18 -0.07 0.64
CA ILE B 321 -9.85 -0.62 0.87
C ILE B 321 -10.04 -1.71 1.92
N SER B 322 -9.69 -2.96 1.59
CA SER B 322 -9.85 -4.06 2.52
C SER B 322 -8.80 -4.02 3.60
N LEU B 323 -9.08 -4.71 4.71
CA LEU B 323 -8.09 -4.77 5.82
C LEU B 323 -6.74 -5.38 5.39
N PRO B 324 -6.75 -6.53 4.70
CA PRO B 324 -5.45 -7.02 4.26
C PRO B 324 -4.70 -6.06 3.35
N SER B 325 -5.40 -5.33 2.47
CA SER B 325 -4.73 -4.43 1.56
CA SER B 325 -4.76 -4.40 1.56
C SER B 325 -4.11 -3.25 2.34
N ALA B 326 -4.82 -2.78 3.35
CA ALA B 326 -4.28 -1.69 4.23
C ALA B 326 -3.09 -2.18 5.03
N LEU B 327 -3.17 -3.40 5.59
CA LEU B 327 -2.05 -3.96 6.32
CA LEU B 327 -2.04 -3.99 6.32
C LEU B 327 -0.83 -4.15 5.43
N ARG B 328 -1.07 -4.62 4.21
CA ARG B 328 0.04 -4.78 3.24
C ARG B 328 0.70 -3.44 2.89
N CYS B 329 -0.09 -2.41 2.65
CA CYS B 329 0.47 -1.09 2.38
CA CYS B 329 0.43 -1.05 2.35
C CYS B 329 1.26 -0.53 3.55
N TRP B 330 0.75 -0.75 4.78
CA TRP B 330 1.54 -0.36 5.94
C TRP B 330 2.84 -1.12 6.04
N GLU B 331 2.79 -2.40 5.76
CA GLU B 331 4.00 -3.18 5.73
C GLU B 331 5.03 -2.59 4.73
N HIS B 332 4.59 -2.30 3.52
CA HIS B 332 5.52 -1.70 2.54
C HIS B 332 6.10 -0.37 3.06
N SER B 333 5.24 0.44 3.65
CA SER B 333 5.65 1.78 4.05
C SER B 333 6.56 1.82 5.30
N THR B 334 6.61 0.73 6.06
CA THR B 334 7.39 0.65 7.30
C THR B 334 8.57 -0.28 7.12
N ARG B 335 8.95 -0.56 5.87
CA ARG B 335 9.98 -1.55 5.62
C ARG B 335 11.35 -1.11 6.10
N SER B 336 11.52 0.15 6.43
CA SER B 336 12.78 0.55 7.08
C SER B 336 12.67 0.62 8.62
N GLY B 337 11.53 0.20 9.18
CA GLY B 337 11.27 0.32 10.62
C GLY B 337 10.89 1.72 11.11
N ASN B 338 10.16 2.48 10.29
CA ASN B 338 9.63 3.77 10.72
C ASN B 338 8.20 3.67 11.23
N GLY B 343 1.58 7.19 6.69
CA GLY B 343 0.84 5.98 7.13
C GLY B 343 -0.64 6.14 6.87
N LEU B 344 -1.37 5.04 6.57
CA LEU B 344 -2.78 5.13 6.15
C LEU B 344 -3.68 5.17 7.37
N ARG B 345 -4.46 6.22 7.48
CA ARG B 345 -5.44 6.43 8.54
C ARG B 345 -6.81 6.21 7.93
N LEU B 346 -7.31 4.99 8.06
CA LEU B 346 -8.60 4.67 7.51
C LEU B 346 -9.59 4.56 8.65
N LEU B 347 -10.20 5.67 8.98
CA LEU B 347 -11.30 5.69 9.95
C LEU B 347 -12.57 5.93 9.18
N GLU B 348 -13.64 5.27 9.58
CA GLU B 348 -14.87 5.33 8.81
C GLU B 348 -15.31 6.78 8.68
N ARG B 349 -15.84 7.15 7.52
CA ARG B 349 -16.23 8.54 7.33
C ARG B 349 -17.61 8.89 7.86
N CYS B 350 -18.49 7.90 8.04
CA CYS B 350 -19.75 8.10 8.73
C CYS B 350 -19.60 7.64 10.18
N SER B 351 -20.45 8.16 11.06
CA SER B 351 -20.24 8.10 12.50
C SER B 351 -21.14 7.11 13.24
N TRP B 352 -22.03 6.39 12.56
CA TRP B 352 -23.09 5.71 13.27
C TRP B 352 -23.01 4.19 13.14
N PRO B 353 -23.57 3.45 14.10
CA PRO B 353 -23.43 2.01 14.06
C PRO B 353 -23.91 1.34 12.81
N GLN B 354 -23.04 0.53 12.21
CA GLN B 354 -23.37 -0.28 11.03
C GLN B 354 -23.56 0.55 9.82
N CYS B 355 -22.98 1.74 9.79
CA CYS B 355 -23.10 2.58 8.62
C CYS B 355 -22.23 2.07 7.46
N ASN B 356 -21.25 1.21 7.75
CA ASN B 356 -20.40 0.55 6.69
C ASN B 356 -21.15 -0.59 6.01
N HIS B 357 -21.26 -0.59 4.69
CA HIS B 357 -22.02 -1.67 4.05
C HIS B 357 -21.35 -3.03 4.13
N SER B 358 -20.05 -3.07 4.41
CA SER B 358 -19.38 -4.37 4.59
C SER B 358 -19.29 -4.90 6.00
N CYS B 359 -20.10 -4.41 6.96
CA CYS B 359 -20.01 -4.90 8.35
C CYS B 359 -20.35 -6.39 8.44
N PRO B 360 -19.60 -7.18 9.24
CA PRO B 360 -19.87 -8.63 9.31
C PRO B 360 -21.26 -8.98 9.91
C1 NAG C . -13.40 20.45 -33.42
C2 NAG C . -13.98 21.70 -32.76
C3 NAG C . -13.30 22.96 -33.30
C4 NAG C . -11.79 22.84 -33.19
C5 NAG C . -11.32 21.56 -33.89
C6 NAG C . -9.82 21.37 -33.73
C7 NAG C . -16.34 21.70 -32.11
C8 NAG C . -17.77 21.78 -32.60
N2 NAG C . -15.40 21.76 -33.04
O3 NAG C . -13.73 24.08 -32.56
O4 NAG C . -11.17 23.92 -33.84
O5 NAG C . -11.99 20.44 -33.33
O6 NAG C . -9.54 21.25 -32.35
O7 NAG C . -16.11 21.59 -30.91
C1 NAG D . 13.49 -20.57 32.77
C2 NAG D . 14.86 -20.04 33.26
C3 NAG D . 14.88 -19.42 34.66
C4 NAG D . 13.68 -18.52 34.89
C5 NAG D . 12.45 -19.34 34.46
C6 NAG D . 11.14 -18.66 34.78
C7 NAG D . 16.79 -21.12 32.21
C8 NAG D . 16.78 -20.11 31.10
N2 NAG D . 15.89 -21.06 33.19
O3 NAG D . 16.08 -18.68 34.84
O4 NAG D . 13.66 -18.15 36.25
O5 NAG D . 12.53 -19.60 33.07
O6 NAG D . 11.14 -17.50 34.02
O7 NAG D . 17.64 -22.01 32.25
#